data_6M78
#
_entry.id   6M78
#
loop_
_entity.id
_entity.type
_entity.pdbx_description
1 polymer Polyprotein
2 polymer Polyprotein
#
loop_
_entity_poly.entity_id
_entity_poly.type
_entity_poly.pdbx_seq_one_letter_code
_entity_poly.pdbx_strand_id
1 'polypeptide(L)'
;MRGSHHHHHHGMASSLKLNVGDASNESAVLGSFYSPVKAGDEPASLVAIKSGPTTIGFGCRTKIDGEDCLLTAHHVWCNS
MRPTGLAKAGKQVSVEDWEISMSSSDKMLDFAIVRVPTHVWSKLGVKSTPLVCPSSKDVITCYGGSSSDCLMSGVGSSST
SEFTWKLTHTCPTAAGWSGTPLYSSRGVVGMHVGFEEIGKLNRGVNMFYVANYLLRSNETLPPELSIIEIPFDDVETRSY
EFIEVEIKGRGKAKLGKREFAWIPESGKYWADEDEDELPPPPKLVGGKLVWENAQE
;
A
2 'polypeptide(L)' GSMTLPPELSIIEIPFDDVETRSYEFIEVEIKGRGKAKLGKREFAWIPESGKYWADEDEDELPPPPKLVGGKLVWENAQE B
#
# COMPACT_ATOMS: atom_id res chain seq x y z
N VAL A 29 -14.99 14.85 17.40
CA VAL A 29 -14.41 14.89 16.04
C VAL A 29 -15.29 14.11 15.04
N LEU A 30 -15.97 13.08 15.54
CA LEU A 30 -16.84 12.28 14.70
C LEU A 30 -18.08 13.08 14.32
N GLY A 31 -18.19 13.41 13.05
CA GLY A 31 -19.32 14.18 12.57
C GLY A 31 -18.88 15.53 12.04
N SER A 32 -17.79 16.06 12.56
CA SER A 32 -17.27 17.34 12.14
C SER A 32 -16.20 17.17 11.05
N PHE A 33 -15.22 16.32 11.33
CA PHE A 33 -14.13 16.09 10.38
C PHE A 33 -14.50 14.98 9.40
N TYR A 34 -15.56 14.27 9.73
CA TYR A 34 -16.02 13.16 8.89
C TYR A 34 -17.48 13.37 8.54
N SER A 35 -17.88 12.83 7.40
CA SER A 35 -19.26 12.94 6.95
C SER A 35 -19.77 11.54 6.59
N PRO A 36 -20.97 11.18 7.09
CA PRO A 36 -21.57 9.85 6.85
C PRO A 36 -21.71 9.52 5.37
N VAL A 37 -21.44 8.27 5.02
CA VAL A 37 -21.55 7.81 3.65
C VAL A 37 -22.72 6.85 3.52
N LYS A 38 -23.51 7.04 2.48
CA LYS A 38 -24.67 6.21 2.24
C LYS A 38 -24.28 4.82 1.78
N ALA A 39 -24.67 3.82 2.55
CA ALA A 39 -24.41 2.42 2.21
C ALA A 39 -24.86 2.17 0.77
N GLY A 40 -24.00 1.54 -0.02
CA GLY A 40 -24.32 1.30 -1.41
C GLY A 40 -23.90 2.44 -2.32
N ASP A 41 -23.55 3.57 -1.71
CA ASP A 41 -23.12 4.74 -2.46
C ASP A 41 -21.62 4.93 -2.32
N GLU A 42 -21.01 4.02 -1.57
CA GLU A 42 -19.58 4.05 -1.33
C GLU A 42 -18.83 3.54 -2.57
N PRO A 43 -17.55 3.92 -2.73
CA PRO A 43 -16.74 3.48 -3.87
C PRO A 43 -16.81 1.97 -4.08
N ALA A 44 -17.14 1.55 -5.30
CA ALA A 44 -17.27 0.15 -5.64
C ALA A 44 -15.90 -0.54 -5.69
N SER A 45 -14.87 0.20 -5.34
CA SER A 45 -13.52 -0.32 -5.35
C SER A 45 -13.03 -0.57 -3.93
N LEU A 46 -13.73 0.02 -2.96
CA LEU A 46 -13.36 -0.11 -1.56
C LEU A 46 -14.11 -1.25 -0.88
N VAL A 47 -13.41 -1.98 -0.04
CA VAL A 47 -13.99 -3.09 0.70
C VAL A 47 -13.45 -3.08 2.14
N ALA A 48 -14.28 -3.53 3.07
CA ALA A 48 -13.88 -3.56 4.47
C ALA A 48 -13.41 -4.97 4.84
N ILE A 49 -12.27 -5.06 5.49
CA ILE A 49 -11.71 -6.34 5.89
C ILE A 49 -12.17 -6.65 7.31
N LYS A 50 -13.01 -7.66 7.44
CA LYS A 50 -13.56 -8.04 8.73
C LYS A 50 -12.89 -9.28 9.32
N SER A 51 -12.72 -9.24 10.63
CA SER A 51 -12.17 -10.35 11.39
C SER A 51 -13.21 -10.65 12.48
N GLY A 52 -14.06 -11.61 12.20
CA GLY A 52 -15.12 -11.93 13.13
C GLY A 52 -16.15 -10.80 13.17
N PRO A 53 -16.39 -10.22 14.36
CA PRO A 53 -17.33 -9.11 14.52
C PRO A 53 -16.64 -7.74 14.45
N THR A 54 -15.31 -7.76 14.35
CA THR A 54 -14.54 -6.52 14.32
C THR A 54 -13.85 -6.34 12.97
N THR A 55 -13.64 -5.10 12.58
CA THR A 55 -12.96 -4.80 11.32
C THR A 55 -11.47 -4.66 11.60
N ILE A 56 -10.65 -5.16 10.70
CA ILE A 56 -9.22 -5.09 10.89
C ILE A 56 -8.53 -4.09 9.99
N GLY A 57 -9.23 -3.56 8.99
CA GLY A 57 -8.61 -2.60 8.10
C GLY A 57 -9.45 -2.43 6.85
N PHE A 58 -8.92 -1.69 5.88
CA PHE A 58 -9.62 -1.46 4.62
C PHE A 58 -8.74 -1.85 3.46
N GLY A 59 -9.34 -2.08 2.30
CA GLY A 59 -8.57 -2.46 1.13
C GLY A 59 -9.32 -2.09 -0.13
N CYS A 60 -8.69 -2.27 -1.29
CA CYS A 60 -9.35 -1.94 -2.55
C CYS A 60 -8.94 -2.90 -3.65
N ARG A 61 -9.74 -2.93 -4.70
CA ARG A 61 -9.46 -3.79 -5.84
C ARG A 61 -8.70 -3.00 -6.90
N THR A 62 -7.59 -3.55 -7.37
CA THR A 62 -6.79 -2.89 -8.36
C THR A 62 -5.83 -3.88 -9.04
N LYS A 63 -5.28 -3.47 -10.17
CA LYS A 63 -4.36 -4.30 -10.93
C LYS A 63 -2.91 -3.99 -10.58
N ILE A 64 -2.21 -4.99 -10.08
CA ILE A 64 -0.81 -4.85 -9.69
C ILE A 64 0.08 -5.91 -10.35
N ASP A 65 -0.36 -7.17 -10.28
CA ASP A 65 0.39 -8.28 -10.86
C ASP A 65 0.09 -8.47 -12.34
N GLY A 66 -1.02 -7.91 -12.80
CA GLY A 66 -1.38 -8.04 -14.20
C GLY A 66 -2.83 -8.40 -14.39
N GLU A 67 -3.36 -9.21 -13.48
CA GLU A 67 -4.75 -9.63 -13.56
C GLU A 67 -5.63 -8.73 -12.70
N ASP A 68 -5.81 -9.11 -11.45
CA ASP A 68 -6.61 -8.36 -10.51
C ASP A 68 -6.23 -8.80 -9.10
N CYS A 69 -6.21 -7.86 -8.17
CA CYS A 69 -5.84 -8.20 -6.80
C CYS A 69 -6.41 -7.21 -5.79
N LEU A 70 -6.33 -7.59 -4.53
CA LEU A 70 -6.81 -6.77 -3.43
C LEU A 70 -5.62 -6.12 -2.74
N LEU A 71 -5.62 -4.80 -2.68
CA LEU A 71 -4.53 -4.07 -2.06
C LEU A 71 -4.95 -3.58 -0.68
N THR A 72 -4.08 -3.80 0.31
CA THR A 72 -4.35 -3.37 1.67
C THR A 72 -3.04 -3.19 2.42
N ALA A 73 -3.12 -2.91 3.72
CA ALA A 73 -1.93 -2.71 4.55
C ALA A 73 -1.31 -4.05 4.90
N HIS A 74 -0.05 -4.04 5.33
CA HIS A 74 0.65 -5.26 5.67
C HIS A 74 0.16 -5.84 6.99
N HIS A 75 0.13 -5.02 8.03
CA HIS A 75 -0.34 -5.49 9.34
C HIS A 75 -1.68 -6.20 9.26
N VAL A 76 -2.71 -5.52 8.76
CA VAL A 76 -4.04 -6.10 8.59
C VAL A 76 -4.03 -7.58 8.14
N TRP A 77 -3.28 -7.88 7.08
CA TRP A 77 -3.23 -9.24 6.55
C TRP A 77 -1.98 -10.00 7.02
N CYS A 78 -1.41 -9.61 8.16
CA CYS A 78 -0.22 -10.28 8.67
C CYS A 78 -0.10 -10.22 10.19
N ASN A 79 0.10 -9.02 10.71
CA ASN A 79 0.26 -8.82 12.15
C ASN A 79 -1.08 -8.81 12.89
N SER A 80 -2.10 -8.26 12.25
CA SER A 80 -3.43 -8.19 12.86
C SER A 80 -4.09 -9.56 12.90
N MET A 81 -5.30 -9.63 13.44
CA MET A 81 -6.04 -10.89 13.54
C MET A 81 -6.31 -11.47 12.16
N ARG A 82 -6.54 -12.78 12.11
CA ARG A 82 -6.78 -13.47 10.85
C ARG A 82 -8.03 -12.95 10.13
N PRO A 83 -7.86 -12.49 8.88
CA PRO A 83 -8.97 -11.99 8.06
C PRO A 83 -9.94 -13.12 7.75
N THR A 84 -11.16 -13.02 8.27
CA THR A 84 -12.16 -14.05 8.08
C THR A 84 -13.03 -13.78 6.85
N GLY A 85 -13.39 -12.53 6.63
CA GLY A 85 -14.24 -12.20 5.50
C GLY A 85 -14.15 -10.75 5.08
N LEU A 86 -14.65 -10.48 3.89
CA LEU A 86 -14.66 -9.12 3.34
C LEU A 86 -16.09 -8.60 3.33
N ALA A 87 -16.28 -7.37 3.76
CA ALA A 87 -17.61 -6.79 3.80
C ALA A 87 -17.75 -5.54 2.94
N LYS A 88 -18.74 -5.56 2.07
CA LYS A 88 -19.02 -4.43 1.20
C LYS A 88 -20.51 -4.10 1.21
N ALA A 89 -20.87 -3.04 1.94
CA ALA A 89 -22.25 -2.59 2.05
C ALA A 89 -23.17 -3.72 2.55
N GLY A 90 -22.78 -4.35 3.66
CA GLY A 90 -23.57 -5.43 4.21
C GLY A 90 -23.24 -6.78 3.61
N LYS A 91 -22.90 -6.78 2.32
CA LYS A 91 -22.54 -8.02 1.63
C LYS A 91 -21.19 -8.49 2.14
N GLN A 92 -21.15 -9.67 2.75
CA GLN A 92 -19.91 -10.20 3.29
C GLN A 92 -19.62 -11.60 2.77
N VAL A 93 -18.41 -11.80 2.27
CA VAL A 93 -17.99 -13.10 1.76
C VAL A 93 -16.84 -13.64 2.60
N SER A 94 -16.71 -14.96 2.64
CA SER A 94 -15.67 -15.61 3.42
C SER A 94 -14.32 -15.57 2.70
N VAL A 95 -13.27 -15.33 3.46
CA VAL A 95 -11.92 -15.27 2.91
C VAL A 95 -11.29 -16.65 3.03
N GLU A 96 -10.98 -17.25 1.89
CA GLU A 96 -10.38 -18.57 1.87
C GLU A 96 -8.88 -18.47 1.68
N ASP A 97 -8.27 -19.58 1.27
CA ASP A 97 -6.84 -19.63 1.02
C ASP A 97 -6.49 -18.92 -0.28
N TRP A 98 -6.31 -17.61 -0.19
CA TRP A 98 -5.99 -16.81 -1.36
C TRP A 98 -4.50 -16.53 -1.43
N GLU A 99 -3.91 -16.78 -2.60
CA GLU A 99 -2.50 -16.56 -2.82
C GLU A 99 -2.14 -15.08 -2.67
N ILE A 100 -1.03 -14.82 -2.02
CA ILE A 100 -0.56 -13.46 -1.82
C ILE A 100 0.56 -13.15 -2.79
N SER A 101 0.41 -12.08 -3.56
CA SER A 101 1.41 -11.66 -4.55
C SER A 101 2.74 -11.36 -3.88
N MET A 102 2.73 -10.36 -3.01
CA MET A 102 3.93 -9.94 -2.28
C MET A 102 3.53 -8.95 -1.19
N SER A 103 4.23 -8.97 -0.07
CA SER A 103 3.95 -8.07 1.04
C SER A 103 5.23 -7.81 1.84
N SER A 104 5.73 -6.59 1.76
CA SER A 104 6.94 -6.22 2.49
C SER A 104 6.65 -6.13 3.99
N SER A 105 7.54 -6.69 4.80
CA SER A 105 7.39 -6.69 6.25
C SER A 105 7.88 -5.40 6.89
N ASP A 106 8.19 -4.41 6.06
CA ASP A 106 8.67 -3.12 6.55
C ASP A 106 7.51 -2.32 7.11
N LYS A 107 7.75 -1.58 8.18
CA LYS A 107 6.74 -0.78 8.84
C LYS A 107 6.48 0.55 8.13
N MET A 108 7.44 1.00 7.32
CA MET A 108 7.28 2.25 6.60
C MET A 108 6.32 2.09 5.43
N LEU A 109 6.55 1.07 4.62
CA LEU A 109 5.68 0.81 3.47
C LEU A 109 4.37 0.16 3.94
N ASP A 110 4.51 -0.90 4.74
CA ASP A 110 3.39 -1.64 5.31
C ASP A 110 2.23 -1.85 4.33
N PHE A 111 2.44 -2.72 3.35
CA PHE A 111 1.41 -3.00 2.35
C PHE A 111 1.34 -4.50 2.07
N ALA A 112 0.18 -4.95 1.60
CA ALA A 112 -0.03 -6.37 1.28
C ALA A 112 -0.90 -6.48 0.04
N ILE A 113 -0.58 -7.46 -0.80
CA ILE A 113 -1.33 -7.68 -2.03
C ILE A 113 -1.86 -9.11 -2.08
N VAL A 114 -3.19 -9.26 -2.04
CA VAL A 114 -3.81 -10.58 -2.07
C VAL A 114 -4.51 -10.82 -3.40
N ARG A 115 -4.29 -11.99 -3.98
CA ARG A 115 -4.92 -12.34 -5.25
C ARG A 115 -6.26 -13.02 -5.00
N VAL A 116 -7.32 -12.25 -5.14
CA VAL A 116 -8.67 -12.77 -4.92
C VAL A 116 -9.29 -13.21 -6.24
N PRO A 117 -9.99 -14.37 -6.26
CA PRO A 117 -10.66 -14.88 -7.47
C PRO A 117 -11.65 -13.85 -8.04
N THR A 118 -12.03 -14.02 -9.30
CA THR A 118 -12.93 -13.07 -9.94
C THR A 118 -14.39 -13.29 -9.52
N HIS A 119 -14.73 -14.52 -9.17
CA HIS A 119 -16.10 -14.84 -8.76
C HIS A 119 -16.40 -14.31 -7.36
N VAL A 120 -15.40 -13.69 -6.75
CA VAL A 120 -15.55 -13.14 -5.41
C VAL A 120 -15.82 -11.64 -5.53
N TRP A 121 -15.22 -11.02 -6.54
CA TRP A 121 -15.41 -9.59 -6.78
C TRP A 121 -16.88 -9.28 -7.05
N SER A 122 -17.50 -10.06 -7.91
CA SER A 122 -18.91 -9.85 -8.27
C SER A 122 -19.84 -10.11 -7.10
N LYS A 123 -19.45 -11.02 -6.20
CA LYS A 123 -20.25 -11.35 -5.04
C LYS A 123 -20.45 -10.15 -4.14
N LEU A 124 -19.50 -9.22 -4.19
CA LEU A 124 -19.57 -8.02 -3.38
C LEU A 124 -19.85 -6.80 -4.26
N GLY A 125 -19.72 -6.99 -5.58
CA GLY A 125 -19.92 -5.89 -6.51
C GLY A 125 -18.75 -4.93 -6.47
N VAL A 126 -17.55 -5.48 -6.52
CA VAL A 126 -16.33 -4.67 -6.49
C VAL A 126 -15.75 -4.47 -7.89
N LYS A 127 -15.40 -3.24 -8.20
CA LYS A 127 -14.80 -2.90 -9.49
C LYS A 127 -13.31 -2.70 -9.32
N SER A 128 -12.57 -2.75 -10.42
CA SER A 128 -11.12 -2.57 -10.37
C SER A 128 -10.72 -1.15 -10.74
N THR A 129 -10.52 -0.31 -9.73
CA THR A 129 -10.10 1.06 -9.96
C THR A 129 -8.57 1.13 -9.91
N PRO A 130 -7.94 1.44 -11.05
CA PRO A 130 -6.49 1.51 -11.14
C PRO A 130 -5.89 2.70 -10.40
N LEU A 131 -4.68 2.52 -9.91
CA LEU A 131 -3.96 3.56 -9.21
C LEU A 131 -3.17 4.34 -10.24
N VAL A 132 -3.08 5.64 -10.11
CA VAL A 132 -2.35 6.45 -11.08
C VAL A 132 -1.16 7.12 -10.41
N CYS A 133 -0.48 7.98 -11.14
CA CYS A 133 0.68 8.67 -10.61
C CYS A 133 0.24 9.81 -9.70
N PRO A 134 0.76 9.86 -8.47
CA PRO A 134 0.42 10.90 -7.49
C PRO A 134 0.94 12.27 -7.93
N SER A 135 0.52 13.31 -7.22
CA SER A 135 0.94 14.67 -7.55
C SER A 135 1.45 15.40 -6.32
N SER A 136 2.02 16.58 -6.53
CA SER A 136 2.55 17.39 -5.44
C SER A 136 1.42 17.83 -4.51
N LYS A 137 0.23 18.01 -5.06
CA LYS A 137 -0.93 18.42 -4.28
C LYS A 137 -2.22 18.09 -5.03
N ASP A 138 -2.88 17.00 -4.62
CA ASP A 138 -4.13 16.59 -5.24
C ASP A 138 -5.18 16.40 -4.16
N VAL A 139 -6.45 16.48 -4.54
CA VAL A 139 -7.55 16.33 -3.60
C VAL A 139 -7.86 14.84 -3.42
N ILE A 140 -8.07 14.43 -2.17
CA ILE A 140 -8.36 13.03 -1.88
C ILE A 140 -9.52 12.89 -0.89
N THR A 141 -10.23 11.78 -1.00
CA THR A 141 -11.36 11.49 -0.12
C THR A 141 -11.14 10.13 0.54
N CYS A 142 -10.96 10.15 1.85
CA CYS A 142 -10.73 8.92 2.60
C CYS A 142 -12.03 8.37 3.17
N TYR A 143 -12.25 7.08 3.01
CA TYR A 143 -13.47 6.44 3.50
C TYR A 143 -13.14 5.40 4.57
N GLY A 144 -13.89 5.40 5.66
CA GLY A 144 -13.66 4.46 6.71
C GLY A 144 -14.84 4.34 7.64
N GLY A 145 -14.73 3.49 8.66
CA GLY A 145 -15.81 3.30 9.60
C GLY A 145 -15.66 2.03 10.39
N SER A 146 -16.53 1.85 11.38
CA SER A 146 -16.50 0.66 12.23
C SER A 146 -16.86 -0.59 11.44
N SER A 147 -17.73 -0.43 10.45
CA SER A 147 -18.16 -1.53 9.60
C SER A 147 -18.52 -1.00 8.22
N SER A 148 -18.80 -1.88 7.29
CA SER A 148 -19.14 -1.47 5.94
C SER A 148 -20.52 -0.82 5.89
N ASP A 149 -21.36 -1.13 6.87
CA ASP A 149 -22.70 -0.58 6.95
C ASP A 149 -22.71 0.78 7.65
N CYS A 150 -21.61 1.12 8.32
CA CYS A 150 -21.49 2.40 9.01
C CYS A 150 -20.24 3.10 8.51
N LEU A 151 -20.37 3.67 7.32
CA LEU A 151 -19.24 4.33 6.67
C LEU A 151 -19.29 5.86 6.80
N MET A 152 -18.10 6.44 6.87
CA MET A 152 -17.94 7.89 6.94
C MET A 152 -16.76 8.28 6.06
N SER A 153 -16.62 9.56 5.75
CA SER A 153 -15.53 9.99 4.88
C SER A 153 -14.90 11.31 5.34
N GLY A 154 -13.65 11.49 4.96
CA GLY A 154 -12.92 12.70 5.29
C GLY A 154 -12.46 13.37 4.02
N VAL A 155 -11.86 14.55 4.14
CA VAL A 155 -11.39 15.29 2.97
C VAL A 155 -10.04 15.94 3.28
N GLY A 156 -9.08 15.77 2.38
CA GLY A 156 -7.77 16.35 2.56
C GLY A 156 -7.00 16.41 1.25
N SER A 157 -5.72 16.72 1.33
CA SER A 157 -4.90 16.81 0.15
C SER A 157 -3.72 15.84 0.25
N SER A 158 -3.22 15.39 -0.88
CA SER A 158 -2.10 14.48 -0.93
C SER A 158 -0.89 15.16 -1.54
N SER A 159 0.30 14.84 -1.05
CA SER A 159 1.54 15.42 -1.55
C SER A 159 2.59 14.33 -1.72
N THR A 160 3.66 14.65 -2.43
CA THR A 160 4.75 13.71 -2.67
C THR A 160 6.02 14.13 -1.92
N SER A 161 6.69 13.17 -1.31
CA SER A 161 7.92 13.45 -0.59
C SER A 161 9.12 13.27 -1.52
N GLU A 162 10.32 13.47 -0.99
CA GLU A 162 11.54 13.31 -1.78
C GLU A 162 11.69 11.84 -2.18
N PHE A 163 11.20 10.97 -1.32
CA PHE A 163 11.23 9.54 -1.56
C PHE A 163 9.97 9.17 -2.32
N THR A 164 10.13 8.61 -3.51
CA THR A 164 8.99 8.25 -4.35
C THR A 164 8.07 7.17 -3.76
N TRP A 165 8.42 6.65 -2.60
CA TRP A 165 7.58 5.61 -1.97
C TRP A 165 6.85 6.14 -0.73
N LYS A 166 7.03 7.41 -0.43
CA LYS A 166 6.40 8.02 0.74
C LYS A 166 5.51 9.20 0.34
N LEU A 167 4.24 9.13 0.74
CA LEU A 167 3.29 10.20 0.43
C LEU A 167 2.76 10.83 1.71
N THR A 168 2.51 12.12 1.65
CA THR A 168 2.00 12.86 2.79
C THR A 168 0.57 13.32 2.52
N HIS A 169 -0.34 13.06 3.44
CA HIS A 169 -1.73 13.47 3.26
C HIS A 169 -2.39 13.97 4.55
N THR A 170 -3.26 14.95 4.40
CA THR A 170 -3.95 15.54 5.53
C THR A 170 -5.33 14.93 5.77
N CYS A 171 -5.72 13.99 4.92
CA CYS A 171 -7.02 13.33 5.05
C CYS A 171 -7.24 12.80 6.46
N PRO A 172 -8.28 13.31 7.15
CA PRO A 172 -8.60 12.88 8.53
C PRO A 172 -8.98 11.41 8.59
N THR A 173 -8.15 10.63 9.26
CA THR A 173 -8.39 9.21 9.39
C THR A 173 -8.58 8.83 10.86
N ALA A 174 -9.19 7.69 11.11
CA ALA A 174 -9.42 7.21 12.46
C ALA A 174 -8.78 5.84 12.64
N ALA A 175 -8.95 5.26 13.83
CA ALA A 175 -8.39 3.95 14.12
C ALA A 175 -9.11 2.86 13.33
N GLY A 176 -8.34 2.09 12.58
CA GLY A 176 -8.91 1.02 11.78
C GLY A 176 -9.15 1.42 10.34
N TRP A 177 -8.57 2.54 9.94
CA TRP A 177 -8.72 3.02 8.56
C TRP A 177 -7.54 2.60 7.70
N SER A 178 -6.53 1.99 8.31
CA SER A 178 -5.36 1.53 7.58
C SER A 178 -5.75 0.67 6.38
N GLY A 179 -5.29 1.09 5.21
CA GLY A 179 -5.62 0.36 4.00
C GLY A 179 -6.55 1.14 3.10
N THR A 180 -7.09 2.23 3.61
CA THR A 180 -8.00 3.06 2.83
C THR A 180 -7.24 3.79 1.72
N PRO A 181 -7.72 3.66 0.47
CA PRO A 181 -7.08 4.28 -0.69
C PRO A 181 -7.39 5.76 -0.79
N LEU A 182 -6.42 6.51 -1.28
CA LEU A 182 -6.57 7.95 -1.45
C LEU A 182 -7.33 8.18 -2.76
N TYR A 183 -8.64 8.25 -2.65
CA TYR A 183 -9.50 8.44 -3.81
C TYR A 183 -9.51 9.88 -4.31
N SER A 184 -9.14 10.06 -5.56
CA SER A 184 -9.14 11.36 -6.19
C SER A 184 -10.07 11.31 -7.40
N SER A 185 -10.34 12.46 -8.00
CA SER A 185 -11.21 12.52 -9.18
C SER A 185 -10.55 11.83 -10.38
N ARG A 186 -9.23 11.79 -10.37
CA ARG A 186 -8.48 11.17 -11.46
C ARG A 186 -8.22 9.67 -11.19
N GLY A 187 -8.37 9.27 -9.95
CA GLY A 187 -8.15 7.87 -9.59
C GLY A 187 -7.52 7.76 -8.21
N VAL A 188 -6.85 6.65 -7.95
CA VAL A 188 -6.21 6.44 -6.66
C VAL A 188 -4.74 6.88 -6.74
N VAL A 189 -4.33 7.77 -5.85
CA VAL A 189 -2.95 8.25 -5.85
C VAL A 189 -2.07 7.53 -4.85
N GLY A 190 -2.68 6.92 -3.83
CA GLY A 190 -1.91 6.22 -2.81
C GLY A 190 -2.80 5.50 -1.81
N MET A 191 -2.19 4.92 -0.78
CA MET A 191 -2.94 4.21 0.25
C MET A 191 -2.50 4.59 1.65
N HIS A 192 -3.48 4.85 2.52
CA HIS A 192 -3.24 5.21 3.91
C HIS A 192 -2.58 4.06 4.66
N VAL A 193 -1.43 4.33 5.25
CA VAL A 193 -0.70 3.30 5.99
C VAL A 193 -0.45 3.71 7.44
N GLY A 194 -0.42 5.00 7.70
CA GLY A 194 -0.18 5.49 9.05
C GLY A 194 -0.13 6.99 9.10
N PHE A 195 0.71 7.54 9.96
CA PHE A 195 0.83 8.97 10.10
C PHE A 195 2.27 9.42 10.35
N GLU A 196 2.54 10.66 10.00
CA GLU A 196 3.86 11.25 10.18
C GLU A 196 3.93 11.80 11.60
N GLU A 197 2.93 12.58 11.94
CA GLU A 197 2.83 13.18 13.25
C GLU A 197 1.39 13.11 13.72
N ILE A 198 1.16 12.45 14.84
CA ILE A 198 -0.18 12.27 15.40
C ILE A 198 -0.92 13.61 15.56
N GLY A 199 -2.02 13.74 14.82
CA GLY A 199 -2.82 14.95 14.89
C GLY A 199 -2.40 16.02 13.91
N LYS A 200 -1.27 15.83 13.27
CA LYS A 200 -0.77 16.82 12.32
C LYS A 200 -0.85 16.31 10.88
N LEU A 201 0.01 15.38 10.53
CA LEU A 201 0.06 14.85 9.19
C LEU A 201 0.08 13.33 9.19
N ASN A 202 -0.57 12.73 8.20
CA ASN A 202 -0.64 11.28 8.07
C ASN A 202 0.41 10.81 7.08
N ARG A 203 0.44 9.52 6.78
CA ARG A 203 1.41 8.98 5.84
C ARG A 203 0.78 7.92 4.95
N GLY A 204 1.06 8.02 3.66
CA GLY A 204 0.54 7.07 2.71
C GLY A 204 1.65 6.49 1.87
N VAL A 205 1.39 5.35 1.27
CA VAL A 205 2.40 4.70 0.44
C VAL A 205 2.08 4.91 -1.04
N ASN A 206 3.11 5.18 -1.82
CA ASN A 206 2.94 5.38 -3.26
C ASN A 206 3.02 4.05 -3.98
N MET A 207 1.87 3.43 -4.18
CA MET A 207 1.80 2.13 -4.83
C MET A 207 2.23 2.19 -6.28
N PHE A 208 2.07 3.34 -6.92
CA PHE A 208 2.44 3.50 -8.32
C PHE A 208 3.91 3.14 -8.53
N TYR A 209 4.76 3.65 -7.66
CA TYR A 209 6.19 3.40 -7.75
C TYR A 209 6.53 1.97 -7.34
N VAL A 210 5.82 1.44 -6.36
CA VAL A 210 6.07 0.09 -5.89
C VAL A 210 5.57 -0.95 -6.91
N ALA A 211 4.51 -0.58 -7.61
CA ALA A 211 3.90 -1.47 -8.59
C ALA A 211 4.72 -1.66 -9.86
N ASN A 212 5.17 -0.57 -10.45
CA ASN A 212 5.93 -0.65 -11.70
C ASN A 212 7.44 -0.51 -11.54
N TYR A 213 7.93 -0.36 -10.31
CA TYR A 213 9.37 -0.21 -10.12
C TYR A 213 9.93 -1.23 -9.11
N LEU A 214 9.31 -1.32 -7.94
CA LEU A 214 9.78 -2.22 -6.90
C LEU A 214 9.34 -3.66 -7.11
N LEU A 215 8.09 -3.86 -7.50
CA LEU A 215 7.56 -5.20 -7.72
C LEU A 215 7.98 -5.78 -9.06
N ARG A 216 8.52 -6.97 -9.03
CA ARG A 216 8.97 -7.66 -10.22
C ARG A 216 8.01 -8.79 -10.57
N SER A 217 8.11 -9.27 -11.80
CA SER A 217 7.24 -10.36 -12.26
C SER A 217 7.87 -11.73 -11.97
N ASN A 218 8.76 -11.78 -10.98
CA ASN A 218 9.43 -13.02 -10.62
C ASN A 218 8.89 -13.59 -9.33
N GLU A 219 8.35 -12.73 -8.48
CA GLU A 219 7.81 -13.15 -7.20
C GLU A 219 6.29 -13.09 -7.19
N GLY B 1 36.41 -4.97 -8.33
CA GLY B 1 35.77 -3.86 -7.57
C GLY B 1 34.26 -3.96 -7.61
N SER B 2 33.58 -2.86 -7.34
CA SER B 2 32.12 -2.84 -7.35
C SER B 2 31.58 -2.75 -8.77
N MET B 3 31.22 -3.89 -9.34
CA MET B 3 30.70 -3.93 -10.69
C MET B 3 29.41 -4.75 -10.75
N THR B 4 28.59 -4.47 -11.75
CA THR B 4 27.34 -5.18 -11.94
C THR B 4 27.62 -6.59 -12.46
N LEU B 5 26.82 -7.55 -12.04
CA LEU B 5 27.00 -8.93 -12.46
C LEU B 5 25.99 -9.33 -13.52
N PRO B 6 26.46 -10.09 -14.54
CA PRO B 6 25.63 -10.54 -15.66
C PRO B 6 24.36 -11.28 -15.21
N PRO B 7 23.28 -11.18 -16.00
CA PRO B 7 21.99 -11.82 -15.70
C PRO B 7 22.09 -13.35 -15.66
N GLU B 8 23.26 -13.88 -16.02
CA GLU B 8 23.49 -15.31 -16.01
C GLU B 8 23.59 -15.81 -14.58
N LEU B 9 23.78 -14.88 -13.65
CA LEU B 9 23.86 -15.21 -12.23
C LEU B 9 22.47 -15.25 -11.63
N SER B 10 22.35 -15.90 -10.48
CA SER B 10 21.08 -16.03 -9.78
C SER B 10 20.53 -14.68 -9.31
N ILE B 11 21.10 -14.15 -8.24
CA ILE B 11 20.65 -12.87 -7.68
C ILE B 11 21.83 -12.04 -7.17
N ILE B 12 21.85 -10.77 -7.54
CA ILE B 12 22.90 -9.85 -7.12
C ILE B 12 22.31 -8.44 -6.93
N GLU B 13 22.40 -7.92 -5.72
CA GLU B 13 21.87 -6.61 -5.41
C GLU B 13 22.85 -5.75 -4.60
N ILE B 14 23.68 -4.99 -5.30
CA ILE B 14 24.64 -4.12 -4.64
C ILE B 14 24.25 -2.65 -4.82
N PRO B 15 24.53 -1.81 -3.81
CA PRO B 15 24.20 -0.37 -3.84
C PRO B 15 24.72 0.36 -5.07
N PHE B 16 25.84 -0.09 -5.62
CA PHE B 16 26.42 0.53 -6.81
C PHE B 16 25.44 0.48 -7.98
N ASP B 17 24.94 -0.72 -8.26
CA ASP B 17 23.97 -0.94 -9.34
C ASP B 17 22.70 -0.07 -9.18
N ASP B 18 22.59 0.55 -8.02
CA ASP B 18 21.45 1.41 -7.68
C ASP B 18 21.91 2.86 -7.40
N VAL B 19 23.19 3.14 -7.64
CA VAL B 19 23.77 4.42 -7.19
C VAL B 19 23.27 5.17 -8.41
N GLU B 20 23.60 4.47 -9.53
CA GLU B 20 23.57 4.98 -10.85
C GLU B 20 22.41 4.48 -11.73
N THR B 21 22.42 3.15 -11.97
CA THR B 21 21.42 2.47 -12.86
C THR B 21 20.23 3.39 -13.20
N ARG B 22 19.26 3.59 -12.31
CA ARG B 22 18.22 4.59 -12.59
C ARG B 22 18.75 5.94 -12.09
N SER B 23 19.44 6.64 -12.98
CA SER B 23 20.09 7.91 -12.67
C SER B 23 19.15 9.09 -12.50
N TYR B 24 17.90 8.97 -12.90
CA TYR B 24 16.96 10.09 -12.78
C TYR B 24 16.75 10.49 -11.32
N GLU B 25 16.16 9.59 -10.55
CA GLU B 25 15.87 9.84 -9.15
C GLU B 25 16.09 8.58 -8.30
N PHE B 26 17.35 8.29 -7.99
CA PHE B 26 17.67 7.12 -7.19
C PHE B 26 17.49 7.45 -5.71
N ILE B 27 16.62 6.69 -5.05
CA ILE B 27 16.37 6.93 -3.63
C ILE B 27 17.60 6.92 -2.72
N GLU B 28 17.49 7.84 -1.77
CA GLU B 28 18.52 8.12 -0.78
C GLU B 28 17.96 8.27 0.63
N VAL B 29 17.82 7.16 1.32
CA VAL B 29 17.34 7.14 2.70
C VAL B 29 18.33 6.35 3.53
N GLU B 30 19.00 7.00 4.47
CA GLU B 30 19.99 6.33 5.30
C GLU B 30 19.63 6.53 6.77
N ILE B 31 20.03 5.58 7.62
CA ILE B 31 19.75 5.68 9.04
C ILE B 31 20.71 4.79 9.85
N LYS B 32 21.16 5.30 10.99
CA LYS B 32 22.05 4.58 11.90
C LYS B 32 23.48 4.46 11.36
N GLY B 33 23.70 4.93 10.13
CA GLY B 33 25.02 4.86 9.53
C GLY B 33 25.41 3.45 9.11
N ARG B 34 24.58 2.48 9.42
CA ARG B 34 24.85 1.10 9.08
C ARG B 34 23.86 0.60 8.04
N GLY B 35 22.72 1.26 7.95
CA GLY B 35 21.71 0.86 7.01
C GLY B 35 21.32 1.99 6.08
N LYS B 36 21.00 1.64 4.85
CA LYS B 36 20.61 2.61 3.85
C LYS B 36 19.69 1.96 2.83
N ALA B 37 18.61 2.62 2.49
CA ALA B 37 17.67 2.12 1.50
C ALA B 37 17.91 2.82 0.17
N LYS B 38 17.72 2.09 -0.91
CA LYS B 38 17.93 2.64 -2.23
C LYS B 38 16.81 2.16 -3.14
N LEU B 39 16.45 2.98 -4.12
CA LEU B 39 15.39 2.62 -5.06
C LEU B 39 15.91 2.70 -6.48
N GLY B 40 15.17 2.13 -7.43
CA GLY B 40 15.58 2.12 -8.80
C GLY B 40 14.52 1.44 -9.66
N LYS B 41 14.63 1.56 -10.98
CA LYS B 41 13.66 0.94 -11.88
C LYS B 41 14.00 -0.53 -12.10
N ARG B 42 15.25 -0.88 -11.93
CA ARG B 42 15.69 -2.25 -12.15
C ARG B 42 16.29 -2.88 -10.91
N GLU B 43 16.07 -2.26 -9.75
CA GLU B 43 16.62 -2.77 -8.53
C GLU B 43 15.69 -2.60 -7.34
N PHE B 44 15.90 -3.42 -6.33
CA PHE B 44 15.09 -3.39 -5.11
C PHE B 44 15.99 -3.77 -3.94
N ALA B 45 16.76 -2.79 -3.48
CA ALA B 45 17.67 -2.99 -2.35
C ALA B 45 17.43 -1.95 -1.27
N TRP B 46 16.98 -2.41 -0.12
CA TRP B 46 16.68 -1.51 0.99
C TRP B 46 16.59 -2.25 2.32
N ILE B 47 17.61 -2.05 3.15
CA ILE B 47 17.68 -2.68 4.46
C ILE B 47 18.44 -1.79 5.44
N PRO B 48 17.71 -1.11 6.33
CA PRO B 48 18.31 -0.22 7.33
C PRO B 48 18.71 -0.98 8.60
N GLU B 49 19.47 -2.07 8.42
CA GLU B 49 19.91 -2.87 9.55
C GLU B 49 21.41 -3.15 9.49
N SER B 50 21.85 -4.10 10.30
CA SER B 50 23.26 -4.46 10.39
C SER B 50 23.61 -5.60 9.43
N GLY B 51 22.68 -6.53 9.25
CA GLY B 51 22.94 -7.66 8.37
C GLY B 51 22.72 -7.32 6.90
N LYS B 52 21.75 -6.44 6.64
CA LYS B 52 21.43 -6.00 5.29
C LYS B 52 20.80 -7.12 4.44
N TYR B 53 20.44 -8.21 5.07
CA TYR B 53 19.82 -9.33 4.36
C TYR B 53 18.39 -9.58 4.84
N TRP B 54 17.84 -8.58 5.55
CA TRP B 54 16.48 -8.66 6.08
C TRP B 54 16.41 -9.60 7.28
N ALA B 55 16.96 -9.15 8.40
CA ALA B 55 16.99 -9.93 9.62
C ALA B 55 16.30 -9.22 10.76
N ASP B 56 15.49 -8.21 10.45
CA ASP B 56 14.78 -7.46 11.49
C ASP B 56 13.38 -8.00 11.65
N GLU B 57 12.62 -7.96 10.55
CA GLU B 57 11.25 -8.46 10.53
C GLU B 57 11.01 -9.32 9.30
N VAL A 29 -22.59 -12.34 -9.02
CA VAL A 29 -21.54 -12.43 -7.96
C VAL A 29 -21.90 -11.58 -6.74
N LEU A 30 -22.52 -10.43 -6.98
CA LEU A 30 -22.90 -9.52 -5.91
C LEU A 30 -24.01 -10.12 -5.05
N GLY A 31 -23.65 -10.52 -3.84
CA GLY A 31 -24.61 -11.11 -2.95
C GLY A 31 -24.18 -12.48 -2.46
N SER A 32 -23.56 -13.25 -3.34
CA SER A 32 -23.09 -14.58 -2.99
C SER A 32 -21.63 -14.56 -2.54
N PHE A 33 -20.81 -13.78 -3.23
CA PHE A 33 -19.39 -13.68 -2.89
C PHE A 33 -19.13 -12.46 -2.03
N TYR A 34 -20.14 -11.61 -1.91
CA TYR A 34 -20.04 -10.40 -1.11
C TYR A 34 -21.31 -10.24 -0.29
N SER A 35 -21.17 -10.02 1.01
CA SER A 35 -22.32 -9.85 1.87
C SER A 35 -22.37 -8.42 2.39
N PRO A 36 -23.53 -7.76 2.32
CA PRO A 36 -23.71 -6.37 2.78
C PRO A 36 -23.23 -6.15 4.21
N VAL A 37 -22.61 -4.99 4.44
CA VAL A 37 -22.11 -4.63 5.76
C VAL A 37 -23.01 -3.58 6.39
N LYS A 38 -23.22 -3.71 7.69
CA LYS A 38 -24.06 -2.78 8.42
C LYS A 38 -23.40 -1.40 8.53
N ALA A 39 -24.02 -0.43 7.86
CA ALA A 39 -23.54 0.95 7.90
C ALA A 39 -23.27 1.38 9.34
N GLY A 40 -22.13 2.01 9.58
CA GLY A 40 -21.78 2.42 10.92
C GLY A 40 -20.98 1.35 11.67
N ASP A 41 -21.12 0.11 11.25
CA ASP A 41 -20.41 -1.00 11.90
C ASP A 41 -19.21 -1.43 11.07
N GLU A 42 -18.91 -0.65 10.04
CA GLU A 42 -17.77 -0.95 9.18
C GLU A 42 -16.47 -0.63 9.93
N PRO A 43 -15.37 -1.33 9.61
CA PRO A 43 -14.07 -1.15 10.26
C PRO A 43 -13.76 0.32 10.54
N ALA A 44 -13.51 0.63 11.80
CA ALA A 44 -13.23 2.00 12.23
C ALA A 44 -11.91 2.51 11.66
N SER A 45 -11.19 1.64 10.99
CA SER A 45 -9.90 2.00 10.41
C SER A 45 -10.00 2.15 8.90
N LEU A 46 -11.19 1.87 8.35
CA LEU A 46 -11.41 1.95 6.92
C LEU A 46 -12.20 3.21 6.53
N VAL A 47 -11.77 3.83 5.44
CA VAL A 47 -12.41 5.03 4.94
C VAL A 47 -12.50 4.96 3.41
N ALA A 48 -13.53 5.58 2.85
CA ALA A 48 -13.71 5.58 1.41
C ALA A 48 -13.26 6.91 0.81
N ILE A 49 -12.45 6.84 -0.24
CA ILE A 49 -11.97 8.05 -0.90
C ILE A 49 -12.88 8.38 -2.07
N LYS A 50 -13.52 9.54 -2.00
CA LYS A 50 -14.44 9.97 -3.05
C LYS A 50 -13.87 11.08 -3.92
N SER A 51 -14.25 11.03 -5.18
CA SER A 51 -13.86 12.03 -6.16
C SER A 51 -15.14 12.51 -6.84
N GLY A 52 -15.61 13.68 -6.45
CA GLY A 52 -16.84 14.20 -7.01
C GLY A 52 -18.02 13.36 -6.53
N PRO A 53 -18.80 12.80 -7.45
CA PRO A 53 -19.94 11.96 -7.10
C PRO A 53 -19.61 10.47 -7.18
N THR A 54 -18.35 10.14 -7.40
CA THR A 54 -17.94 8.74 -7.53
C THR A 54 -16.80 8.42 -6.56
N THR A 55 -16.70 7.15 -6.17
CA THR A 55 -15.65 6.71 -5.26
C THR A 55 -14.44 6.34 -6.11
N ILE A 56 -13.24 6.66 -5.62
CA ILE A 56 -12.04 6.36 -6.38
C ILE A 56 -11.19 5.24 -5.77
N GLY A 57 -11.46 4.87 -4.52
CA GLY A 57 -10.67 3.83 -3.90
C GLY A 57 -10.92 3.81 -2.41
N PHE A 58 -10.13 3.06 -1.67
CA PHE A 58 -10.28 2.97 -0.22
C PHE A 58 -8.94 3.21 0.45
N GLY A 59 -8.97 3.52 1.75
CA GLY A 59 -7.74 3.75 2.48
C GLY A 59 -7.93 3.37 3.93
N CYS A 60 -6.85 3.30 4.69
CA CYS A 60 -6.94 2.94 6.10
C CYS A 60 -6.05 3.81 6.96
N ARG A 61 -6.48 4.07 8.20
CA ARG A 61 -5.69 4.88 9.11
C ARG A 61 -4.69 3.97 9.82
N THR A 62 -3.42 4.33 9.73
CA THR A 62 -2.39 3.53 10.34
C THR A 62 -1.14 4.36 10.61
N LYS A 63 -0.24 3.83 11.43
CA LYS A 63 0.99 4.52 11.77
C LYS A 63 2.15 4.00 10.92
N ILE A 64 2.71 4.90 10.12
CA ILE A 64 3.80 4.55 9.24
C ILE A 64 5.05 5.40 9.51
N ASP A 65 4.90 6.72 9.38
CA ASP A 65 6.01 7.63 9.60
C ASP A 65 6.38 7.74 11.08
N GLY A 66 5.40 7.54 11.94
CA GLY A 66 5.65 7.61 13.37
C GLY A 66 4.44 8.13 14.13
N GLU A 67 3.71 9.05 13.54
CA GLU A 67 2.53 9.61 14.17
C GLU A 67 1.27 8.87 13.73
N ASP A 68 0.64 9.38 12.67
CA ASP A 68 -0.57 8.77 12.14
C ASP A 68 -0.71 9.20 10.69
N CYS A 69 -1.27 8.34 9.85
CA CYS A 69 -1.43 8.66 8.44
C CYS A 69 -2.46 7.77 7.76
N LEU A 70 -2.77 8.10 6.52
CA LEU A 70 -3.73 7.35 5.74
C LEU A 70 -2.99 6.54 4.68
N LEU A 71 -3.23 5.23 4.68
CA LEU A 71 -2.58 4.36 3.73
C LEU A 71 -3.56 3.96 2.63
N THR A 72 -3.20 4.28 1.40
CA THR A 72 -4.03 3.95 0.25
C THR A 72 -3.15 3.51 -0.92
N ALA A 73 -3.78 3.22 -2.06
CA ALA A 73 -3.05 2.76 -3.23
C ALA A 73 -2.49 3.94 -4.04
N HIS A 74 -1.46 3.67 -4.82
CA HIS A 74 -0.84 4.69 -5.66
C HIS A 74 -1.84 5.21 -6.68
N HIS A 75 -2.51 4.29 -7.35
CA HIS A 75 -3.53 4.63 -8.34
C HIS A 75 -4.50 5.67 -7.78
N VAL A 76 -5.36 5.23 -6.88
CA VAL A 76 -6.37 6.09 -6.22
C VAL A 76 -5.91 7.52 -5.91
N TRP A 77 -4.77 7.69 -5.24
CA TRP A 77 -4.31 9.01 -4.84
C TRP A 77 -3.35 9.71 -5.82
N CYS A 78 -2.68 8.96 -6.68
CA CYS A 78 -1.73 9.58 -7.59
C CYS A 78 -1.94 9.22 -9.06
N ASN A 79 -3.14 8.79 -9.41
CA ASN A 79 -3.42 8.43 -10.81
C ASN A 79 -4.88 8.66 -11.16
N SER A 80 -5.77 8.37 -10.23
CA SER A 80 -7.19 8.56 -10.46
C SER A 80 -7.55 10.04 -10.42
N MET A 81 -8.85 10.33 -10.43
CA MET A 81 -9.33 11.71 -10.39
C MET A 81 -8.97 12.36 -9.07
N ARG A 82 -9.05 13.70 -9.01
CA ARG A 82 -8.71 14.44 -7.80
C ARG A 82 -9.65 14.10 -6.65
N PRO A 83 -9.10 13.64 -5.52
CA PRO A 83 -9.89 13.28 -4.34
C PRO A 83 -10.56 14.52 -3.75
N THR A 84 -11.88 14.51 -3.71
CA THR A 84 -12.63 15.63 -3.18
C THR A 84 -12.81 15.51 -1.67
N GLY A 85 -12.97 14.28 -1.20
CA GLY A 85 -13.15 14.07 0.23
C GLY A 85 -13.14 12.62 0.64
N LEU A 86 -13.10 12.40 1.94
CA LEU A 86 -13.11 11.06 2.50
C LEU A 86 -14.47 10.80 3.13
N ALA A 87 -15.07 9.66 2.84
CA ALA A 87 -16.39 9.33 3.36
C ALA A 87 -16.39 8.11 4.26
N LYS A 88 -17.12 8.22 5.36
CA LYS A 88 -17.23 7.16 6.34
C LYS A 88 -18.62 7.15 7.01
N ALA A 89 -19.38 6.10 6.76
CA ALA A 89 -20.72 5.93 7.33
C ALA A 89 -21.66 7.08 6.97
N GLY A 90 -21.39 7.71 5.84
CA GLY A 90 -22.21 8.84 5.41
C GLY A 90 -21.54 10.16 5.71
N LYS A 91 -20.67 10.17 6.72
CA LYS A 91 -19.95 11.37 7.09
C LYS A 91 -18.87 11.61 6.05
N GLN A 92 -18.62 12.86 5.72
CA GLN A 92 -17.61 13.18 4.72
C GLN A 92 -16.85 14.46 5.05
N VAL A 93 -15.56 14.44 4.78
CA VAL A 93 -14.71 15.60 5.01
C VAL A 93 -13.97 15.93 3.72
N SER A 94 -13.79 17.22 3.44
CA SER A 94 -13.12 17.65 2.24
C SER A 94 -11.62 17.39 2.32
N VAL A 95 -11.03 17.01 1.19
CA VAL A 95 -9.60 16.75 1.13
C VAL A 95 -8.85 18.05 0.84
N GLU A 96 -8.07 18.48 1.81
CA GLU A 96 -7.30 19.71 1.67
C GLU A 96 -5.92 19.41 1.12
N ASP A 97 -5.04 20.41 1.13
CA ASP A 97 -3.69 20.25 0.63
C ASP A 97 -2.82 19.53 1.66
N TRP A 98 -3.08 18.25 1.85
CA TRP A 98 -2.35 17.45 2.82
C TRP A 98 -1.00 16.98 2.26
N GLU A 99 -0.07 16.73 3.16
CA GLU A 99 1.27 16.30 2.79
C GLU A 99 1.36 14.79 2.56
N ILE A 100 2.12 14.40 1.56
CA ILE A 100 2.33 12.99 1.25
C ILE A 100 3.70 12.56 1.77
N SER A 101 3.72 11.51 2.59
CA SER A 101 4.96 11.02 3.14
C SER A 101 5.84 10.41 2.06
N MET A 102 5.29 9.45 1.32
CA MET A 102 6.02 8.79 0.25
C MET A 102 5.07 7.97 -0.62
N SER A 103 5.46 7.74 -1.87
CA SER A 103 4.66 6.97 -2.80
C SER A 103 5.55 6.50 -3.95
N SER A 104 5.16 5.41 -4.60
CA SER A 104 5.92 4.88 -5.72
C SER A 104 5.04 4.86 -6.96
N SER A 105 5.62 5.23 -8.10
CA SER A 105 4.88 5.26 -9.36
C SER A 105 4.81 3.89 -10.02
N ASP A 106 5.20 2.84 -9.30
CA ASP A 106 5.17 1.50 -9.88
C ASP A 106 3.87 0.78 -9.60
N LYS A 107 3.54 -0.17 -10.46
CA LYS A 107 2.32 -0.95 -10.36
C LYS A 107 2.45 -2.15 -9.43
N MET A 108 3.69 -2.56 -9.13
CA MET A 108 3.90 -3.70 -8.24
C MET A 108 3.61 -3.32 -6.80
N LEU A 109 4.14 -2.18 -6.39
CA LEU A 109 3.92 -1.68 -5.04
C LEU A 109 2.58 -0.98 -4.95
N ASP A 110 2.40 0.03 -5.80
CA ASP A 110 1.17 0.82 -5.87
C ASP A 110 0.61 1.20 -4.50
N PHE A 111 1.33 2.06 -3.79
CA PHE A 111 0.91 2.50 -2.47
C PHE A 111 1.20 3.99 -2.29
N ALA A 112 0.46 4.63 -1.40
CA ALA A 112 0.63 6.04 -1.12
C ALA A 112 0.34 6.35 0.35
N ILE A 113 1.25 7.07 0.98
CA ILE A 113 1.09 7.43 2.38
C ILE A 113 0.79 8.92 2.50
N VAL A 114 -0.40 9.26 2.98
CA VAL A 114 -0.80 10.64 3.13
C VAL A 114 -0.99 10.99 4.61
N ARG A 115 -0.44 12.12 5.03
CA ARG A 115 -0.56 12.56 6.41
C ARG A 115 -1.80 13.43 6.59
N VAL A 116 -2.80 12.89 7.24
CA VAL A 116 -4.05 13.59 7.47
C VAL A 116 -4.12 14.08 8.92
N PRO A 117 -4.54 15.35 9.13
CA PRO A 117 -4.66 15.94 10.46
C PRO A 117 -5.50 15.08 11.42
N THR A 118 -5.33 15.34 12.72
CA THR A 118 -6.02 14.55 13.73
C THR A 118 -7.50 14.92 13.85
N HIS A 119 -7.82 16.20 13.63
CA HIS A 119 -9.21 16.65 13.72
C HIS A 119 -10.05 16.00 12.63
N VAL A 120 -9.39 15.68 11.51
CA VAL A 120 -10.07 15.05 10.39
C VAL A 120 -10.45 13.61 10.75
N TRP A 121 -9.54 12.94 11.44
CA TRP A 121 -9.77 11.56 11.88
C TRP A 121 -11.00 11.45 12.76
N SER A 122 -11.10 12.35 13.75
CA SER A 122 -12.23 12.34 14.68
C SER A 122 -13.53 12.74 13.99
N LYS A 123 -13.44 13.58 12.95
CA LYS A 123 -14.61 14.03 12.21
C LYS A 123 -15.34 12.87 11.54
N LEU A 124 -14.62 11.79 11.28
CA LEU A 124 -15.20 10.62 10.65
C LEU A 124 -15.24 9.44 11.61
N GLY A 125 -14.59 9.60 12.76
CA GLY A 125 -14.55 8.54 13.75
C GLY A 125 -13.61 7.43 13.35
N VAL A 126 -12.53 7.79 12.68
CA VAL A 126 -11.55 6.81 12.21
C VAL A 126 -10.52 6.52 13.29
N LYS A 127 -10.30 5.24 13.55
CA LYS A 127 -9.33 4.79 14.54
C LYS A 127 -8.06 4.33 13.85
N SER A 128 -6.94 4.37 14.56
CA SER A 128 -5.67 3.96 14.00
C SER A 128 -5.43 2.48 14.26
N THR A 129 -5.18 1.74 13.19
CA THR A 129 -4.91 0.31 13.30
C THR A 129 -3.66 -0.03 12.51
N PRO A 130 -2.54 -0.27 13.22
CA PRO A 130 -1.25 -0.60 12.61
C PRO A 130 -1.27 -1.95 11.92
N LEU A 131 -0.43 -2.07 10.89
CA LEU A 131 -0.31 -3.32 10.15
C LEU A 131 0.73 -4.17 10.85
N VAL A 132 0.58 -5.49 10.81
CA VAL A 132 1.52 -6.37 11.46
C VAL A 132 2.25 -7.20 10.41
N CYS A 133 3.07 -8.14 10.84
CA CYS A 133 3.81 -8.99 9.92
C CYS A 133 2.95 -10.15 9.45
N PRO A 134 2.77 -10.29 8.13
CA PRO A 134 1.99 -11.39 7.55
C PRO A 134 2.65 -12.74 7.81
N SER A 135 1.95 -13.82 7.48
CA SER A 135 2.47 -15.16 7.69
C SER A 135 2.28 -16.00 6.43
N SER A 136 2.45 -17.31 6.56
CA SER A 136 2.28 -18.20 5.42
C SER A 136 0.84 -18.19 4.92
N LYS A 137 -0.10 -18.05 5.84
CA LYS A 137 -1.51 -18.01 5.49
C LYS A 137 -2.30 -17.27 6.57
N ASP A 138 -2.95 -16.19 6.17
CA ASP A 138 -3.76 -15.39 7.09
C ASP A 138 -5.18 -15.26 6.59
N VAL A 139 -6.14 -15.43 7.48
CA VAL A 139 -7.56 -15.32 7.12
C VAL A 139 -8.00 -13.87 7.19
N ILE A 140 -8.46 -13.32 6.08
CA ILE A 140 -8.87 -11.93 6.05
C ILE A 140 -10.30 -11.74 5.52
N THR A 141 -10.82 -10.56 5.73
CA THR A 141 -12.15 -10.18 5.28
C THR A 141 -12.04 -8.86 4.52
N CYS A 142 -12.27 -8.91 3.21
CA CYS A 142 -12.17 -7.72 2.38
C CYS A 142 -13.45 -6.89 2.40
N TYR A 143 -13.31 -5.59 2.65
CA TYR A 143 -14.44 -4.68 2.71
C TYR A 143 -14.38 -3.67 1.57
N GLY A 144 -15.51 -3.46 0.91
CA GLY A 144 -15.57 -2.51 -0.18
C GLY A 144 -17.00 -2.26 -0.62
N GLY A 145 -17.18 -1.39 -1.60
CA GLY A 145 -18.51 -1.09 -2.08
C GLY A 145 -18.51 0.07 -3.05
N SER A 146 -19.68 0.44 -3.54
CA SER A 146 -19.81 1.54 -4.48
C SER A 146 -19.74 2.88 -3.74
N SER A 147 -20.20 2.87 -2.50
CA SER A 147 -20.20 4.06 -1.67
C SER A 147 -20.04 3.66 -0.22
N SER A 148 -19.72 4.63 0.64
CA SER A 148 -19.54 4.37 2.06
C SER A 148 -20.83 3.91 2.72
N ASP A 149 -21.95 4.18 2.05
CA ASP A 149 -23.26 3.80 2.57
C ASP A 149 -23.71 2.45 2.04
N CYS A 150 -23.04 1.94 1.02
CA CYS A 150 -23.38 0.64 0.44
C CYS A 150 -22.13 -0.22 0.45
N LEU A 151 -21.83 -0.76 1.61
CA LEU A 151 -20.64 -1.59 1.79
C LEU A 151 -20.97 -3.07 1.81
N MET A 152 -20.02 -3.86 1.35
CA MET A 152 -20.15 -5.31 1.32
C MET A 152 -18.80 -5.91 1.72
N SER A 153 -18.78 -7.19 2.04
CA SER A 153 -17.54 -7.82 2.45
C SER A 153 -17.37 -9.23 1.88
N GLY A 154 -16.12 -9.60 1.69
CA GLY A 154 -15.78 -10.91 1.19
C GLY A 154 -14.88 -11.62 2.18
N VAL A 155 -14.52 -12.87 1.91
CA VAL A 155 -13.67 -13.62 2.83
C VAL A 155 -12.67 -14.45 2.03
N GLY A 156 -11.42 -14.40 2.44
CA GLY A 156 -10.39 -15.16 1.75
C GLY A 156 -9.10 -15.21 2.53
N SER A 157 -8.20 -16.10 2.16
CA SER A 157 -6.94 -16.23 2.85
C SER A 157 -5.82 -15.52 2.08
N SER A 158 -4.80 -15.10 2.82
CA SER A 158 -3.65 -14.43 2.24
C SER A 158 -2.42 -15.30 2.41
N SER A 159 -1.38 -15.05 1.63
CA SER A 159 -0.15 -15.83 1.73
C SER A 159 1.07 -15.00 1.34
N THR A 160 2.19 -15.25 2.02
CA THR A 160 3.43 -14.55 1.74
C THR A 160 4.28 -15.35 0.77
N SER A 161 4.71 -14.71 -0.30
CA SER A 161 5.51 -15.34 -1.34
C SER A 161 7.00 -15.30 -0.96
N GLU A 162 7.86 -15.66 -1.90
CA GLU A 162 9.30 -15.63 -1.67
C GLU A 162 9.74 -14.18 -1.62
N PHE A 163 9.04 -13.35 -2.37
CA PHE A 163 9.29 -11.93 -2.40
C PHE A 163 8.47 -11.28 -1.29
N THR A 164 9.16 -10.82 -0.26
CA THR A 164 8.54 -10.21 0.91
C THR A 164 7.73 -8.95 0.61
N TRP A 165 7.79 -8.43 -0.61
CA TRP A 165 7.04 -7.22 -0.95
C TRP A 165 5.73 -7.56 -1.66
N LYS A 166 5.51 -8.84 -1.94
CA LYS A 166 4.31 -9.26 -2.64
C LYS A 166 3.52 -10.32 -1.88
N LEU A 167 2.24 -10.03 -1.66
CA LEU A 167 1.35 -10.95 -0.97
C LEU A 167 0.21 -11.34 -1.89
N THR A 168 -0.29 -12.55 -1.75
CA THR A 168 -1.39 -13.02 -2.57
C THR A 168 -2.61 -13.32 -1.71
N HIS A 169 -3.79 -13.00 -2.22
CA HIS A 169 -5.03 -13.24 -1.48
C HIS A 169 -6.15 -13.69 -2.39
N THR A 170 -7.02 -14.55 -1.88
CA THR A 170 -8.14 -15.08 -2.66
C THR A 170 -9.45 -14.36 -2.32
N CYS A 171 -9.37 -13.31 -1.51
CA CYS A 171 -10.55 -12.56 -1.12
C CYS A 171 -11.21 -11.90 -2.33
N PRO A 172 -12.50 -12.15 -2.57
CA PRO A 172 -13.23 -11.58 -3.70
C PRO A 172 -13.28 -10.06 -3.63
N THR A 173 -12.52 -9.42 -4.51
CA THR A 173 -12.45 -7.98 -4.55
C THR A 173 -12.88 -7.47 -5.92
N ALA A 174 -13.61 -6.36 -5.94
CA ALA A 174 -14.08 -5.77 -7.18
C ALA A 174 -13.28 -4.53 -7.54
N ALA A 175 -13.73 -3.83 -8.57
CA ALA A 175 -13.06 -2.61 -9.01
C ALA A 175 -13.42 -1.44 -8.12
N GLY A 176 -12.45 -0.59 -7.84
CA GLY A 176 -12.68 0.57 -7.00
C GLY A 176 -12.43 0.26 -5.54
N TRP A 177 -12.00 -0.98 -5.28
CA TRP A 177 -11.73 -1.42 -3.92
C TRP A 177 -10.24 -1.28 -3.61
N SER A 178 -9.47 -0.90 -4.61
CA SER A 178 -8.02 -0.72 -4.45
C SER A 178 -7.71 0.21 -3.28
N GLY A 179 -6.83 -0.23 -2.41
CA GLY A 179 -6.48 0.55 -1.24
C GLY A 179 -7.06 -0.04 0.03
N THR A 180 -7.92 -1.04 -0.13
CA THR A 180 -8.54 -1.69 1.01
C THR A 180 -7.55 -2.62 1.71
N PRO A 181 -7.39 -2.48 3.02
CA PRO A 181 -6.47 -3.28 3.81
C PRO A 181 -7.02 -4.67 4.14
N LEU A 182 -6.12 -5.64 4.26
CA LEU A 182 -6.49 -7.01 4.56
C LEU A 182 -6.80 -7.14 6.05
N TYR A 183 -8.09 -7.05 6.39
CA TYR A 183 -8.52 -7.13 7.77
C TYR A 183 -8.59 -8.57 8.26
N SER A 184 -7.87 -8.85 9.33
CA SER A 184 -7.83 -10.16 9.92
C SER A 184 -8.06 -10.05 11.44
N SER A 185 -8.03 -11.17 12.14
CA SER A 185 -8.24 -11.17 13.58
C SER A 185 -7.03 -10.60 14.33
N ARG A 186 -5.88 -10.67 13.68
CA ARG A 186 -4.65 -10.17 14.28
C ARG A 186 -4.43 -8.70 13.89
N GLY A 187 -5.28 -8.19 13.02
CA GLY A 187 -5.16 -6.82 12.58
C GLY A 187 -5.12 -6.72 11.07
N VAL A 188 -4.11 -6.06 10.54
CA VAL A 188 -3.95 -5.93 9.11
C VAL A 188 -2.60 -6.50 8.68
N VAL A 189 -2.59 -7.31 7.63
CA VAL A 189 -1.34 -7.91 7.17
C VAL A 189 -0.91 -7.38 5.81
N GLY A 190 -1.82 -6.72 5.08
CA GLY A 190 -1.47 -6.19 3.79
C GLY A 190 -2.54 -5.25 3.24
N MET A 191 -2.38 -4.84 2.00
CA MET A 191 -3.32 -3.93 1.36
C MET A 191 -3.56 -4.30 -0.10
N HIS A 192 -4.83 -4.38 -0.47
CA HIS A 192 -5.23 -4.73 -1.83
C HIS A 192 -4.76 -3.66 -2.83
N VAL A 193 -3.98 -4.11 -3.81
CA VAL A 193 -3.47 -3.19 -4.84
C VAL A 193 -3.88 -3.65 -6.24
N GLY A 194 -4.20 -4.91 -6.37
CA GLY A 194 -4.62 -5.45 -7.65
C GLY A 194 -4.81 -6.95 -7.62
N PHE A 195 -4.51 -7.60 -8.72
CA PHE A 195 -4.67 -9.05 -8.81
C PHE A 195 -3.48 -9.68 -9.53
N GLU A 196 -3.20 -10.93 -9.20
CA GLU A 196 -2.11 -11.66 -9.81
C GLU A 196 -2.64 -12.40 -11.04
N GLU A 197 -3.92 -12.75 -10.98
CA GLU A 197 -4.58 -13.42 -12.06
C GLU A 197 -6.05 -13.02 -12.06
N ILE A 198 -6.48 -12.39 -13.14
CA ILE A 198 -7.85 -11.92 -13.28
C ILE A 198 -8.87 -13.04 -13.13
N GLY A 199 -9.66 -12.95 -12.06
CA GLY A 199 -10.68 -13.95 -11.81
C GLY A 199 -10.19 -15.14 -11.01
N LYS A 200 -8.89 -15.22 -10.79
CA LYS A 200 -8.31 -16.33 -10.05
C LYS A 200 -7.76 -15.91 -8.70
N LEU A 201 -6.67 -15.15 -8.71
CA LEU A 201 -6.02 -14.73 -7.49
C LEU A 201 -5.72 -13.24 -7.50
N ASN A 202 -5.82 -12.61 -6.33
CA ASN A 202 -5.57 -11.19 -6.21
C ASN A 202 -4.15 -10.95 -5.70
N ARG A 203 -3.71 -9.70 -5.73
CA ARG A 203 -2.36 -9.35 -5.30
C ARG A 203 -2.39 -8.15 -4.37
N GLY A 204 -1.58 -8.21 -3.32
CA GLY A 204 -1.52 -7.13 -2.37
C GLY A 204 -0.10 -6.76 -2.03
N VAL A 205 0.09 -5.58 -1.46
CA VAL A 205 1.42 -5.12 -1.10
C VAL A 205 1.67 -5.29 0.40
N ASN A 206 2.87 -5.73 0.73
CA ASN A 206 3.25 -5.94 2.13
C ASN A 206 3.82 -4.65 2.70
N MET A 207 2.97 -3.88 3.38
CA MET A 207 3.37 -2.61 3.96
C MET A 207 4.40 -2.78 5.07
N PHE A 208 4.37 -3.92 5.76
CA PHE A 208 5.32 -4.16 6.83
C PHE A 208 6.75 -4.19 6.33
N TYR A 209 6.92 -4.63 5.08
CA TYR A 209 8.24 -4.72 4.46
C TYR A 209 8.70 -3.36 3.95
N VAL A 210 7.76 -2.45 3.77
CA VAL A 210 8.10 -1.12 3.28
C VAL A 210 8.20 -0.12 4.43
N ALA A 211 7.20 -0.15 5.29
CA ALA A 211 7.10 0.77 6.43
C ALA A 211 8.35 0.76 7.31
N ASN A 212 8.77 -0.42 7.74
CA ASN A 212 9.93 -0.52 8.62
C ASN A 212 11.22 -0.93 7.92
N TYR A 213 11.24 -0.92 6.60
CA TYR A 213 12.44 -1.31 5.87
C TYR A 213 12.76 -0.36 4.73
N LEU A 214 11.96 -0.45 3.67
CA LEU A 214 12.15 0.36 2.47
C LEU A 214 12.05 1.86 2.74
N LEU A 215 11.14 2.25 3.61
CA LEU A 215 10.93 3.66 3.93
C LEU A 215 12.00 4.20 4.87
N ARG A 216 12.65 5.28 4.44
CA ARG A 216 13.69 5.91 5.25
C ARG A 216 13.10 7.05 6.06
N SER A 217 13.36 7.05 7.35
CA SER A 217 12.85 8.09 8.24
C SER A 217 13.55 9.42 7.99
N ASN A 218 14.63 9.38 7.19
CA ASN A 218 15.38 10.58 6.86
C ASN A 218 14.73 11.33 5.71
N GLU A 219 13.68 10.75 5.14
CA GLU A 219 12.97 11.36 4.04
C GLU A 219 11.51 11.56 4.40
N GLY B 1 36.56 0.80 -7.22
CA GLY B 1 35.49 0.09 -7.96
C GLY B 1 34.12 0.40 -7.39
N SER B 2 33.25 -0.60 -7.38
CA SER B 2 31.90 -0.42 -6.85
C SER B 2 31.90 -0.55 -5.33
N MET B 3 31.94 0.59 -4.66
CA MET B 3 31.94 0.62 -3.20
C MET B 3 30.94 1.64 -2.69
N THR B 4 30.50 1.48 -1.45
CA THR B 4 29.54 2.37 -0.84
C THR B 4 30.21 3.70 -0.46
N LEU B 5 29.50 4.80 -0.68
CA LEU B 5 30.03 6.11 -0.36
C LEU B 5 29.50 6.61 0.98
N PRO B 6 30.29 7.45 1.66
CA PRO B 6 29.92 8.00 2.97
C PRO B 6 28.62 8.80 2.92
N PRO B 7 27.95 8.95 4.08
CA PRO B 7 26.68 9.69 4.18
C PRO B 7 26.87 11.18 3.91
N GLU B 8 28.12 11.58 3.71
CA GLU B 8 28.48 12.95 3.41
C GLU B 8 27.98 13.32 2.02
N LEU B 9 27.90 12.32 1.15
CA LEU B 9 27.45 12.52 -0.22
C LEU B 9 25.96 12.83 -0.25
N SER B 10 25.51 13.44 -1.33
CA SER B 10 24.11 13.80 -1.51
C SER B 10 23.22 12.55 -1.51
N ILE B 11 23.28 11.78 -2.58
CA ILE B 11 22.49 10.56 -2.72
C ILE B 11 23.25 9.53 -3.55
N ILE B 12 23.24 8.29 -3.09
CA ILE B 12 23.90 7.22 -3.81
C ILE B 12 23.05 5.95 -3.75
N GLU B 13 22.63 5.47 -4.91
CA GLU B 13 21.81 4.28 -4.99
C GLU B 13 22.27 3.37 -6.12
N ILE B 14 23.25 2.52 -5.83
CA ILE B 14 23.76 1.59 -6.83
C ILE B 14 23.37 0.16 -6.46
N PRO B 15 23.14 -0.70 -7.48
CA PRO B 15 22.74 -2.09 -7.27
C PRO B 15 23.67 -2.84 -6.31
N PHE B 16 24.95 -2.49 -6.32
CA PHE B 16 25.92 -3.13 -5.42
C PHE B 16 25.55 -2.83 -3.97
N ASP B 17 25.37 -1.56 -3.67
CA ASP B 17 24.98 -1.10 -2.32
C ASP B 17 23.68 -1.76 -1.85
N ASP B 18 22.98 -2.34 -2.79
CA ASP B 18 21.69 -2.98 -2.57
C ASP B 18 21.78 -4.49 -2.77
N VAL B 19 22.99 -5.01 -2.93
CA VAL B 19 23.18 -6.41 -3.31
C VAL B 19 23.05 -6.88 -1.87
N GLU B 20 23.81 -6.10 -1.06
CA GLU B 20 24.19 -6.40 0.29
C GLU B 20 23.37 -5.63 1.34
N THR B 21 23.09 -4.35 1.02
CA THR B 21 22.35 -3.42 1.94
C THR B 21 21.68 -4.22 3.08
N ARG B 22 20.60 -4.94 2.84
CA ARG B 22 20.07 -5.85 3.84
C ARG B 22 20.28 -7.27 3.32
N SER B 23 21.40 -7.87 3.68
CA SER B 23 21.77 -9.20 3.19
C SER B 23 20.86 -10.33 3.65
N TYR B 24 19.91 -10.04 4.54
CA TYR B 24 19.00 -11.07 5.01
C TYR B 24 18.13 -11.61 3.87
N GLU B 25 17.35 -10.72 3.28
CA GLU B 25 16.46 -11.10 2.18
C GLU B 25 16.39 -9.97 1.16
N PHE B 26 17.43 -9.82 0.35
CA PHE B 26 17.44 -8.77 -0.66
C PHE B 26 16.64 -9.22 -1.88
N ILE B 27 15.62 -8.45 -2.25
CA ILE B 27 14.78 -8.82 -3.38
C ILE B 27 15.55 -9.15 -4.67
N GLU B 28 15.09 -10.25 -5.24
CA GLU B 28 15.66 -10.84 -6.45
C GLU B 28 14.70 -10.95 -7.63
N VAL B 29 14.66 -9.89 -8.44
CA VAL B 29 13.83 -9.88 -9.64
C VAL B 29 14.62 -9.23 -10.78
N GLU B 30 14.86 -9.98 -11.85
CA GLU B 30 15.61 -9.47 -12.99
C GLU B 30 14.81 -9.68 -14.27
N ILE B 31 15.06 -8.87 -15.28
CA ILE B 31 14.33 -8.98 -16.53
C ILE B 31 15.07 -8.29 -17.68
N LYS B 32 14.93 -8.84 -18.90
CA LYS B 32 15.54 -8.28 -20.10
C LYS B 32 17.06 -8.51 -20.17
N GLY B 33 17.61 -9.15 -19.14
CA GLY B 33 19.04 -9.42 -19.10
C GLY B 33 19.88 -8.17 -18.89
N ARG B 34 19.22 -7.02 -18.88
CA ARG B 34 19.89 -5.74 -18.69
C ARG B 34 19.26 -4.97 -17.55
N GLY B 35 18.16 -5.50 -17.03
CA GLY B 35 17.47 -4.86 -15.94
C GLY B 35 17.39 -5.78 -14.73
N LYS B 36 17.53 -5.20 -13.56
CA LYS B 36 17.48 -5.97 -12.33
C LYS B 36 16.97 -5.11 -11.20
N ALA B 37 16.02 -5.61 -10.43
CA ALA B 37 15.50 -4.85 -9.33
C ALA B 37 15.84 -5.50 -8.00
N LYS B 38 16.31 -4.68 -7.08
CA LYS B 38 16.65 -5.16 -5.74
C LYS B 38 16.02 -4.30 -4.66
N LEU B 39 15.99 -4.85 -3.45
CA LEU B 39 15.41 -4.16 -2.31
C LEU B 39 16.39 -4.18 -1.14
N GLY B 40 16.11 -3.41 -0.09
CA GLY B 40 17.03 -3.32 1.02
C GLY B 40 16.44 -2.42 2.09
N LYS B 41 17.09 -2.36 3.26
CA LYS B 41 16.60 -1.54 4.35
C LYS B 41 17.24 -0.15 4.37
N ARG B 42 18.37 0.00 3.69
CA ARG B 42 19.05 1.29 3.65
C ARG B 42 19.29 1.78 2.22
N GLU B 43 18.61 1.14 1.27
CA GLU B 43 18.73 1.53 -0.13
C GLU B 43 17.48 1.12 -0.89
N PHE B 44 17.32 1.68 -2.09
CA PHE B 44 16.15 1.39 -2.89
C PHE B 44 16.48 1.48 -4.38
N ALA B 45 17.11 0.44 -4.93
CA ALA B 45 17.44 0.44 -6.34
C ALA B 45 16.72 -0.71 -7.04
N TRP B 46 15.78 -0.37 -7.90
CA TRP B 46 14.99 -1.37 -8.60
C TRP B 46 14.30 -0.82 -9.85
N ILE B 47 15.04 -0.87 -10.95
CA ILE B 47 14.54 -0.38 -12.23
C ILE B 47 14.96 -1.28 -13.41
N PRO B 48 13.98 -1.76 -14.19
CA PRO B 48 14.21 -2.60 -15.36
C PRO B 48 14.37 -1.73 -16.62
N GLU B 49 15.27 -0.76 -16.53
CA GLU B 49 15.51 0.16 -17.64
C GLU B 49 17.00 0.23 -17.99
N SER B 50 17.38 1.24 -18.74
CA SER B 50 18.76 1.41 -19.19
C SER B 50 19.66 2.10 -18.15
N GLY B 51 19.09 3.04 -17.39
CA GLY B 51 19.88 3.75 -16.39
C GLY B 51 19.67 3.22 -15.00
N LYS B 52 18.47 2.69 -14.75
CA LYS B 52 18.11 2.10 -13.46
C LYS B 52 18.03 3.14 -12.33
N TYR B 53 17.68 4.38 -12.66
CA TYR B 53 17.57 5.42 -11.65
C TYR B 53 16.20 6.09 -11.63
N TRP B 54 15.19 5.38 -12.14
CA TRP B 54 13.80 5.86 -12.17
C TRP B 54 13.58 6.82 -13.35
N ALA B 55 13.53 6.25 -14.55
CA ALA B 55 13.35 7.05 -15.75
C ALA B 55 12.21 6.51 -16.62
N ASP B 56 11.36 5.68 -16.04
CA ASP B 56 10.23 5.11 -16.77
C ASP B 56 8.98 5.94 -16.56
N GLU B 57 8.72 6.27 -15.30
CA GLU B 57 7.57 7.08 -14.95
C GLU B 57 8.02 8.22 -14.05
N VAL A 29 -22.22 -12.01 -8.91
CA VAL A 29 -21.76 -12.63 -7.65
C VAL A 29 -22.09 -11.77 -6.43
N LEU A 30 -22.60 -10.56 -6.66
CA LEU A 30 -22.97 -9.67 -5.57
C LEU A 30 -24.01 -10.32 -4.68
N GLY A 31 -23.82 -10.21 -3.37
CA GLY A 31 -24.75 -10.81 -2.44
C GLY A 31 -24.30 -12.19 -2.00
N SER A 32 -23.75 -12.96 -2.93
CA SER A 32 -23.28 -14.30 -2.63
C SER A 32 -21.86 -14.29 -2.05
N PHE A 33 -20.92 -13.75 -2.82
CA PHE A 33 -19.52 -13.68 -2.40
C PHE A 33 -19.25 -12.46 -1.53
N TYR A 34 -20.25 -11.60 -1.40
CA TYR A 34 -20.11 -10.38 -0.61
C TYR A 34 -21.31 -10.23 0.30
N SER A 35 -21.08 -9.97 1.58
CA SER A 35 -22.16 -9.80 2.53
C SER A 35 -22.28 -8.33 2.90
N PRO A 36 -23.51 -7.83 3.10
CA PRO A 36 -23.75 -6.43 3.46
C PRO A 36 -23.07 -6.05 4.77
N VAL A 37 -22.49 -4.86 4.80
CA VAL A 37 -21.83 -4.36 6.00
C VAL A 37 -22.72 -3.35 6.70
N LYS A 38 -22.97 -3.59 7.99
CA LYS A 38 -23.80 -2.72 8.78
C LYS A 38 -23.17 -1.34 8.97
N ALA A 39 -23.83 -0.33 8.44
CA ALA A 39 -23.38 1.05 8.58
C ALA A 39 -23.23 1.37 10.06
N GLY A 40 -22.06 1.84 10.47
CA GLY A 40 -21.83 2.13 11.87
C GLY A 40 -21.06 1.01 12.55
N ASP A 41 -20.96 -0.13 11.86
CA ASP A 41 -20.24 -1.29 12.40
C ASP A 41 -19.04 -1.64 11.52
N GLU A 42 -18.77 -0.79 10.54
CA GLU A 42 -17.64 -1.01 9.65
C GLU A 42 -16.34 -0.69 10.36
N PRO A 43 -15.21 -1.30 9.90
CA PRO A 43 -13.89 -1.08 10.51
C PRO A 43 -13.59 0.39 10.74
N ALA A 44 -13.21 0.73 11.97
CA ALA A 44 -12.91 2.10 12.35
C ALA A 44 -11.52 2.50 11.85
N SER A 45 -10.85 1.59 11.18
CA SER A 45 -9.52 1.84 10.65
C SER A 45 -9.60 2.09 9.15
N LEU A 46 -10.76 1.78 8.57
CA LEU A 46 -10.98 1.93 7.14
C LEU A 46 -11.74 3.22 6.84
N VAL A 47 -11.27 3.93 5.83
CA VAL A 47 -11.91 5.17 5.41
C VAL A 47 -12.15 5.12 3.90
N ALA A 48 -13.24 5.71 3.45
CA ALA A 48 -13.59 5.71 2.04
C ALA A 48 -13.08 6.96 1.34
N ILE A 49 -12.28 6.78 0.31
CA ILE A 49 -11.74 7.89 -0.45
C ILE A 49 -12.62 8.13 -1.67
N LYS A 50 -13.23 9.30 -1.73
CA LYS A 50 -14.13 9.61 -2.84
C LYS A 50 -13.73 10.87 -3.59
N SER A 51 -14.28 10.99 -4.79
CA SER A 51 -14.05 12.13 -5.65
C SER A 51 -15.37 12.51 -6.30
N GLY A 52 -15.86 13.70 -5.98
CA GLY A 52 -17.11 14.14 -6.51
C GLY A 52 -18.25 13.34 -5.90
N PRO A 53 -19.16 12.81 -6.73
CA PRO A 53 -20.29 12.03 -6.25
C PRO A 53 -20.01 10.53 -6.32
N THR A 54 -18.75 10.16 -6.52
CA THR A 54 -18.39 8.75 -6.64
C THR A 54 -17.18 8.41 -5.78
N THR A 55 -17.04 7.13 -5.46
CA THR A 55 -15.92 6.65 -4.67
C THR A 55 -14.77 6.31 -5.62
N ILE A 56 -13.54 6.55 -5.20
CA ILE A 56 -12.40 6.26 -6.06
C ILE A 56 -11.50 5.17 -5.50
N GLY A 57 -11.66 4.81 -4.23
CA GLY A 57 -10.82 3.79 -3.64
C GLY A 57 -11.01 3.80 -2.14
N PHE A 58 -10.16 3.07 -1.44
CA PHE A 58 -10.24 3.00 0.02
C PHE A 58 -8.88 3.23 0.63
N GLY A 59 -8.84 3.54 1.92
CA GLY A 59 -7.59 3.75 2.59
C GLY A 59 -7.70 3.37 4.04
N CYS A 60 -6.58 3.31 4.75
CA CYS A 60 -6.59 2.93 6.15
C CYS A 60 -5.66 3.81 6.97
N ARG A 61 -6.04 4.09 8.21
CA ARG A 61 -5.22 4.91 9.09
C ARG A 61 -4.26 4.02 9.88
N THR A 62 -2.99 4.36 9.87
CA THR A 62 -2.00 3.57 10.56
C THR A 62 -0.66 4.31 10.70
N LYS A 63 0.25 3.74 11.47
CA LYS A 63 1.55 4.35 11.72
C LYS A 63 2.60 3.79 10.77
N ILE A 64 2.98 4.62 9.81
CA ILE A 64 3.98 4.22 8.82
C ILE A 64 5.25 5.07 8.95
N ASP A 65 5.06 6.40 9.00
CA ASP A 65 6.19 7.33 9.13
C ASP A 65 6.69 7.40 10.56
N GLY A 66 5.82 7.04 11.49
CA GLY A 66 6.17 7.07 12.89
C GLY A 66 5.10 7.74 13.72
N GLU A 67 4.50 8.78 13.17
CA GLU A 67 3.44 9.51 13.85
C GLU A 67 2.08 8.87 13.57
N ASP A 68 1.48 9.26 12.45
CA ASP A 68 0.18 8.75 12.04
C ASP A 68 -0.06 9.18 10.61
N CYS A 69 -0.64 8.33 9.80
CA CYS A 69 -0.90 8.66 8.41
C CYS A 69 -1.96 7.79 7.78
N LEU A 70 -2.34 8.15 6.56
CA LEU A 70 -3.34 7.42 5.79
C LEU A 70 -2.63 6.60 4.71
N LEU A 71 -3.00 5.35 4.59
CA LEU A 71 -2.41 4.46 3.61
C LEU A 71 -3.41 4.06 2.53
N THR A 72 -3.03 4.28 1.28
CA THR A 72 -3.88 3.93 0.14
C THR A 72 -3.01 3.47 -1.02
N ALA A 73 -3.65 3.15 -2.15
CA ALA A 73 -2.93 2.68 -3.32
C ALA A 73 -2.42 3.84 -4.18
N HIS A 74 -1.55 3.52 -5.13
CA HIS A 74 -0.98 4.53 -6.03
C HIS A 74 -2.02 4.99 -7.03
N HIS A 75 -3.03 4.17 -7.23
CA HIS A 75 -4.12 4.50 -8.14
C HIS A 75 -4.96 5.62 -7.51
N VAL A 76 -5.75 5.24 -6.52
CA VAL A 76 -6.62 6.15 -5.76
C VAL A 76 -6.11 7.58 -5.60
N TRP A 77 -4.93 7.76 -5.00
CA TRP A 77 -4.40 9.10 -4.75
C TRP A 77 -3.47 9.63 -5.85
N CYS A 78 -3.53 9.06 -7.05
CA CYS A 78 -2.67 9.52 -8.14
C CYS A 78 -3.32 9.30 -9.51
N ASN A 79 -3.39 8.04 -9.94
CA ASN A 79 -3.96 7.69 -11.24
C ASN A 79 -5.48 7.68 -11.21
N SER A 80 -6.06 8.77 -10.76
CA SER A 80 -7.51 8.93 -10.68
C SER A 80 -7.88 10.40 -10.61
N MET A 81 -9.14 10.68 -10.29
CA MET A 81 -9.61 12.06 -10.17
C MET A 81 -9.08 12.64 -8.87
N ARG A 82 -9.04 13.97 -8.78
CA ARG A 82 -8.54 14.64 -7.60
C ARG A 82 -9.45 14.37 -6.41
N PRO A 83 -8.89 13.76 -5.34
CA PRO A 83 -9.65 13.44 -4.12
C PRO A 83 -10.35 14.67 -3.57
N THR A 84 -11.66 14.58 -3.45
CA THR A 84 -12.44 15.69 -2.94
C THR A 84 -12.60 15.61 -1.42
N GLY A 85 -12.92 14.41 -0.94
CA GLY A 85 -13.11 14.25 0.49
C GLY A 85 -13.07 12.81 0.94
N LEU A 86 -13.00 12.63 2.25
CA LEU A 86 -12.97 11.31 2.86
C LEU A 86 -14.31 11.02 3.51
N ALA A 87 -14.83 9.82 3.30
CA ALA A 87 -16.11 9.45 3.85
C ALA A 87 -16.03 8.29 4.83
N LYS A 88 -17.00 8.24 5.74
CA LYS A 88 -17.08 7.19 6.75
C LYS A 88 -18.49 7.07 7.30
N ALA A 89 -19.24 6.14 6.72
CA ALA A 89 -20.62 5.87 7.12
C ALA A 89 -21.48 7.14 7.21
N GLY A 90 -21.67 7.80 6.07
CA GLY A 90 -22.49 8.99 6.05
C GLY A 90 -21.68 10.26 6.24
N LYS A 91 -20.64 10.19 7.07
CA LYS A 91 -19.80 11.36 7.34
C LYS A 91 -18.88 11.65 6.16
N GLN A 92 -18.56 12.93 5.96
CA GLN A 92 -17.70 13.35 4.86
C GLN A 92 -16.91 14.60 5.24
N VAL A 93 -15.61 14.58 4.98
CA VAL A 93 -14.75 15.73 5.26
C VAL A 93 -14.02 16.15 3.98
N SER A 94 -13.64 17.41 3.91
CA SER A 94 -12.95 17.92 2.73
C SER A 94 -11.47 17.58 2.76
N VAL A 95 -10.92 17.28 1.59
CA VAL A 95 -9.51 16.96 1.47
C VAL A 95 -8.73 18.20 1.08
N GLU A 96 -7.97 18.73 2.02
CA GLU A 96 -7.17 19.92 1.77
C GLU A 96 -5.83 19.49 1.15
N ASP A 97 -4.92 20.43 0.96
CA ASP A 97 -3.63 20.12 0.38
C ASP A 97 -2.70 19.56 1.46
N TRP A 98 -2.86 18.26 1.72
CA TRP A 98 -2.07 17.57 2.72
C TRP A 98 -0.73 17.11 2.15
N GLU A 99 0.12 16.59 3.01
CA GLU A 99 1.44 16.14 2.61
C GLU A 99 1.49 14.64 2.35
N ILE A 100 2.15 14.26 1.27
CA ILE A 100 2.31 12.86 0.91
C ILE A 100 3.71 12.41 1.32
N SER A 101 3.78 11.51 2.29
CA SER A 101 5.04 11.01 2.81
C SER A 101 5.87 10.35 1.71
N MET A 102 5.32 9.35 1.05
CA MET A 102 6.01 8.65 0.00
C MET A 102 5.01 7.87 -0.86
N SER A 103 5.34 7.70 -2.12
CA SER A 103 4.51 6.99 -3.05
C SER A 103 5.34 6.48 -4.21
N SER A 104 4.91 5.40 -4.84
CA SER A 104 5.64 4.85 -5.96
C SER A 104 4.81 5.03 -7.23
N SER A 105 5.47 5.44 -8.31
CA SER A 105 4.79 5.67 -9.58
C SER A 105 4.59 4.38 -10.36
N ASP A 106 4.89 3.25 -9.74
CA ASP A 106 4.75 1.96 -10.40
C ASP A 106 3.53 1.18 -9.94
N LYS A 107 3.19 0.15 -10.71
CA LYS A 107 2.02 -0.68 -10.43
C LYS A 107 2.34 -1.85 -9.52
N MET A 108 3.62 -2.16 -9.37
CA MET A 108 4.03 -3.27 -8.51
C MET A 108 3.85 -2.92 -7.04
N LEU A 109 4.43 -1.80 -6.63
CA LEU A 109 4.30 -1.35 -5.25
C LEU A 109 2.91 -0.73 -5.05
N ASP A 110 2.53 0.10 -6.02
CA ASP A 110 1.23 0.79 -6.04
C ASP A 110 0.71 1.21 -4.66
N PHE A 111 1.40 2.16 -4.03
CA PHE A 111 1.00 2.62 -2.71
C PHE A 111 1.22 4.13 -2.59
N ALA A 112 0.46 4.77 -1.72
CA ALA A 112 0.57 6.20 -1.49
C ALA A 112 0.26 6.51 -0.03
N ILE A 113 1.19 7.17 0.64
CA ILE A 113 1.00 7.53 2.05
C ILE A 113 0.78 9.02 2.18
N VAL A 114 -0.37 9.41 2.73
CA VAL A 114 -0.71 10.81 2.91
C VAL A 114 -0.94 11.09 4.40
N ARG A 115 -0.39 12.19 4.90
CA ARG A 115 -0.55 12.54 6.29
C ARG A 115 -1.73 13.49 6.48
N VAL A 116 -2.73 13.01 7.20
CA VAL A 116 -3.94 13.78 7.47
C VAL A 116 -3.93 14.32 8.90
N PRO A 117 -4.38 15.57 9.10
CA PRO A 117 -4.46 16.18 10.44
C PRO A 117 -5.23 15.30 11.43
N THR A 118 -5.00 15.51 12.71
CA THR A 118 -5.64 14.70 13.74
C THR A 118 -7.12 15.04 13.91
N HIS A 119 -7.46 16.33 13.78
CA HIS A 119 -8.85 16.77 13.92
C HIS A 119 -9.75 16.13 12.86
N VAL A 120 -9.14 15.76 11.73
CA VAL A 120 -9.88 15.14 10.64
C VAL A 120 -10.26 13.71 10.99
N TRP A 121 -9.31 12.99 11.59
CA TRP A 121 -9.52 11.61 11.98
C TRP A 121 -10.72 11.46 12.92
N SER A 122 -10.82 12.36 13.89
CA SER A 122 -11.89 12.34 14.86
C SER A 122 -13.25 12.62 14.21
N LYS A 123 -13.23 13.40 13.14
CA LYS A 123 -14.47 13.75 12.42
C LYS A 123 -15.15 12.52 11.83
N LEU A 124 -14.35 11.53 11.46
CA LEU A 124 -14.88 10.31 10.87
C LEU A 124 -14.86 9.17 11.88
N GLY A 125 -14.15 9.37 12.98
CA GLY A 125 -14.05 8.34 13.99
C GLY A 125 -13.08 7.26 13.54
N VAL A 126 -12.05 7.68 12.82
CA VAL A 126 -11.05 6.75 12.31
C VAL A 126 -9.95 6.53 13.34
N LYS A 127 -9.68 5.28 13.64
CA LYS A 127 -8.66 4.92 14.60
C LYS A 127 -7.41 4.44 13.88
N SER A 128 -6.27 4.53 14.56
CA SER A 128 -5.01 4.12 13.98
C SER A 128 -4.67 2.68 14.36
N THR A 129 -5.00 1.76 13.47
CA THR A 129 -4.72 0.36 13.72
C THR A 129 -3.39 -0.02 13.03
N PRO A 130 -2.35 -0.30 13.81
CA PRO A 130 -1.04 -0.67 13.27
C PRO A 130 -1.05 -2.02 12.55
N LEU A 131 -0.34 -2.07 11.43
CA LEU A 131 -0.25 -3.30 10.65
C LEU A 131 0.92 -4.13 11.17
N VAL A 132 0.85 -5.43 11.00
CA VAL A 132 1.90 -6.32 11.47
C VAL A 132 2.50 -7.09 10.30
N CYS A 133 3.22 -8.16 10.60
CA CYS A 133 3.86 -8.97 9.57
C CYS A 133 2.93 -10.11 9.13
N PRO A 134 2.75 -10.27 7.81
CA PRO A 134 1.91 -11.32 7.25
C PRO A 134 2.56 -12.70 7.46
N SER A 135 1.84 -13.75 7.14
CA SER A 135 2.35 -15.11 7.30
C SER A 135 1.99 -15.95 6.09
N SER A 136 2.32 -17.24 6.14
CA SER A 136 2.04 -18.16 5.04
C SER A 136 0.54 -18.28 4.76
N LYS A 137 -0.27 -18.04 5.77
CA LYS A 137 -1.72 -18.13 5.61
C LYS A 137 -2.45 -17.30 6.66
N ASP A 138 -3.06 -16.21 6.22
CA ASP A 138 -3.81 -15.35 7.12
C ASP A 138 -5.25 -15.24 6.66
N VAL A 139 -6.18 -15.42 7.60
CA VAL A 139 -7.60 -15.33 7.28
C VAL A 139 -7.99 -13.86 7.20
N ILE A 140 -8.31 -13.39 6.01
CA ILE A 140 -8.66 -11.99 5.83
C ILE A 140 -10.11 -11.78 5.41
N THR A 141 -10.61 -10.60 5.74
CA THR A 141 -11.96 -10.20 5.41
C THR A 141 -11.88 -8.84 4.72
N CYS A 142 -12.14 -8.82 3.42
CA CYS A 142 -12.05 -7.59 2.64
C CYS A 142 -13.36 -6.81 2.69
N TYR A 143 -13.25 -5.53 3.01
CA TYR A 143 -14.41 -4.65 3.08
C TYR A 143 -14.36 -3.62 1.96
N GLY A 144 -15.48 -3.40 1.31
CA GLY A 144 -15.52 -2.43 0.24
C GLY A 144 -16.94 -2.03 -0.09
N GLY A 145 -17.13 -1.40 -1.24
CA GLY A 145 -18.45 -0.99 -1.66
C GLY A 145 -18.38 0.01 -2.78
N SER A 146 -19.53 0.41 -3.29
CA SER A 146 -19.58 1.38 -4.37
C SER A 146 -19.75 2.79 -3.82
N SER A 147 -20.22 2.88 -2.58
CA SER A 147 -20.44 4.16 -1.94
C SER A 147 -20.05 4.07 -0.47
N SER A 148 -20.22 5.17 0.27
CA SER A 148 -19.90 5.18 1.68
C SER A 148 -21.11 4.75 2.51
N ASP A 149 -22.20 4.47 1.82
CA ASP A 149 -23.44 4.06 2.46
C ASP A 149 -23.74 2.58 2.17
N CYS A 150 -23.24 2.08 1.06
CA CYS A 150 -23.47 0.69 0.68
C CYS A 150 -22.16 -0.09 0.70
N LEU A 151 -21.83 -0.63 1.86
CA LEU A 151 -20.60 -1.40 2.04
C LEU A 151 -20.91 -2.89 2.07
N MET A 152 -19.97 -3.68 1.57
CA MET A 152 -20.09 -5.13 1.54
C MET A 152 -18.73 -5.74 1.90
N SER A 153 -18.70 -7.01 2.23
CA SER A 153 -17.44 -7.65 2.62
C SER A 153 -17.32 -9.06 2.07
N GLY A 154 -16.08 -9.49 1.88
CA GLY A 154 -15.79 -10.82 1.38
C GLY A 154 -14.88 -11.54 2.35
N VAL A 155 -14.55 -12.79 2.06
CA VAL A 155 -13.69 -13.58 2.93
C VAL A 155 -12.70 -14.41 2.11
N GLY A 156 -11.43 -14.33 2.45
CA GLY A 156 -10.41 -15.08 1.74
C GLY A 156 -9.18 -15.30 2.58
N SER A 157 -8.19 -15.98 2.02
CA SER A 157 -6.96 -16.26 2.73
C SER A 157 -5.80 -15.52 2.07
N SER A 158 -4.79 -15.16 2.85
CA SER A 158 -3.62 -14.44 2.36
C SER A 158 -2.39 -15.35 2.47
N SER A 159 -1.44 -15.16 1.56
CA SER A 159 -0.21 -15.94 1.55
C SER A 159 0.95 -15.11 1.01
N THR A 160 2.11 -15.26 1.62
CA THR A 160 3.30 -14.55 1.21
C THR A 160 3.89 -15.19 -0.05
N SER A 161 4.39 -14.35 -0.96
CA SER A 161 4.99 -14.84 -2.19
C SER A 161 6.51 -14.95 -2.02
N GLU A 162 7.22 -15.27 -3.10
CA GLU A 162 8.67 -15.39 -3.06
C GLU A 162 9.30 -14.01 -2.86
N PHE A 163 8.58 -12.99 -3.31
CA PHE A 163 9.03 -11.62 -3.18
C PHE A 163 8.45 -11.04 -1.90
N THR A 164 9.32 -10.50 -1.05
CA THR A 164 8.90 -9.94 0.23
C THR A 164 7.84 -8.85 0.08
N TRP A 165 7.96 -8.02 -0.94
CA TRP A 165 6.99 -6.94 -1.17
C TRP A 165 5.73 -7.41 -1.90
N LYS A 166 5.54 -8.73 -1.99
CA LYS A 166 4.39 -9.28 -2.70
C LYS A 166 3.53 -10.16 -1.81
N LEU A 167 2.23 -9.91 -1.86
CA LEU A 167 1.26 -10.68 -1.08
C LEU A 167 0.12 -11.14 -1.99
N THR A 168 -0.36 -12.35 -1.77
CA THR A 168 -1.45 -12.90 -2.56
C THR A 168 -2.63 -13.27 -1.67
N HIS A 169 -3.85 -12.99 -2.14
CA HIS A 169 -5.05 -13.29 -1.36
C HIS A 169 -6.22 -13.73 -2.25
N THR A 170 -7.09 -14.57 -1.69
CA THR A 170 -8.23 -15.08 -2.43
C THR A 170 -9.52 -14.33 -2.08
N CYS A 171 -9.40 -13.22 -1.37
CA CYS A 171 -10.56 -12.43 -1.00
C CYS A 171 -11.23 -11.81 -2.23
N PRO A 172 -12.55 -12.02 -2.39
CA PRO A 172 -13.32 -11.48 -3.51
C PRO A 172 -13.39 -9.97 -3.44
N THR A 173 -12.80 -9.30 -4.42
CA THR A 173 -12.77 -7.85 -4.45
C THR A 173 -13.38 -7.32 -5.75
N ALA A 174 -13.95 -6.12 -5.70
CA ALA A 174 -14.57 -5.52 -6.88
C ALA A 174 -13.84 -4.23 -7.28
N ALA A 175 -14.43 -3.50 -8.22
CA ALA A 175 -13.86 -2.25 -8.71
C ALA A 175 -14.01 -1.13 -7.68
N GLY A 176 -12.99 -0.29 -7.59
CA GLY A 176 -13.01 0.81 -6.65
C GLY A 176 -12.71 0.37 -5.22
N TRP A 177 -12.32 -0.89 -5.06
CA TRP A 177 -12.02 -1.43 -3.74
C TRP A 177 -10.51 -1.34 -3.46
N SER A 178 -9.76 -0.88 -4.45
CA SER A 178 -8.32 -0.75 -4.33
C SER A 178 -7.94 0.18 -3.17
N GLY A 179 -6.97 -0.25 -2.36
CA GLY A 179 -6.55 0.54 -1.23
C GLY A 179 -7.09 0.00 0.08
N THR A 180 -7.96 -0.99 -0.01
CA THR A 180 -8.53 -1.60 1.17
C THR A 180 -7.51 -2.49 1.86
N PRO A 181 -7.40 -2.38 3.20
CA PRO A 181 -6.45 -3.17 3.99
C PRO A 181 -6.91 -4.62 4.20
N LEU A 182 -5.95 -5.51 4.33
CA LEU A 182 -6.23 -6.92 4.54
C LEU A 182 -6.49 -7.17 6.03
N TYR A 183 -7.77 -7.14 6.40
CA TYR A 183 -8.16 -7.34 7.79
C TYR A 183 -8.07 -8.81 8.18
N SER A 184 -7.15 -9.10 9.07
CA SER A 184 -6.94 -10.46 9.55
C SER A 184 -7.19 -10.50 11.06
N SER A 185 -7.09 -11.68 11.65
CA SER A 185 -7.31 -11.85 13.09
C SER A 185 -6.24 -11.10 13.90
N ARG A 186 -5.07 -10.89 13.31
CA ARG A 186 -3.98 -10.20 14.00
C ARG A 186 -3.92 -8.72 13.62
N GLY A 187 -4.89 -8.26 12.85
CA GLY A 187 -4.91 -6.88 12.43
C GLY A 187 -4.79 -6.74 10.93
N VAL A 188 -3.84 -5.93 10.48
CA VAL A 188 -3.62 -5.72 9.05
C VAL A 188 -2.29 -6.33 8.64
N VAL A 189 -2.31 -7.13 7.58
CA VAL A 189 -1.08 -7.78 7.10
C VAL A 189 -0.64 -7.26 5.74
N GLY A 190 -1.53 -6.54 5.07
CA GLY A 190 -1.19 -6.00 3.75
C GLY A 190 -2.32 -5.15 3.19
N MET A 191 -2.13 -4.66 1.97
CA MET A 191 -3.13 -3.82 1.34
C MET A 191 -3.44 -4.27 -0.09
N HIS A 192 -4.73 -4.34 -0.40
CA HIS A 192 -5.18 -4.74 -1.74
C HIS A 192 -4.77 -3.71 -2.78
N VAL A 193 -4.03 -4.16 -3.79
CA VAL A 193 -3.57 -3.27 -4.85
C VAL A 193 -4.03 -3.71 -6.25
N GLY A 194 -4.31 -4.99 -6.40
CA GLY A 194 -4.74 -5.49 -7.70
C GLY A 194 -5.03 -6.97 -7.68
N PHE A 195 -4.72 -7.64 -8.79
CA PHE A 195 -4.96 -9.07 -8.90
C PHE A 195 -3.90 -9.75 -9.79
N GLU A 196 -3.43 -10.91 -9.35
CA GLU A 196 -2.44 -11.67 -10.08
C GLU A 196 -3.14 -12.44 -11.22
N GLU A 197 -4.35 -12.90 -10.92
CA GLU A 197 -5.17 -13.62 -11.86
C GLU A 197 -6.59 -13.08 -11.78
N ILE A 198 -7.00 -12.37 -12.82
CA ILE A 198 -8.34 -11.78 -12.86
C ILE A 198 -9.42 -12.85 -12.73
N GLY A 199 -10.06 -12.91 -11.56
CA GLY A 199 -11.11 -13.87 -11.33
C GLY A 199 -10.66 -15.11 -10.57
N LYS A 200 -9.35 -15.23 -10.38
CA LYS A 200 -8.81 -16.39 -9.66
C LYS A 200 -8.11 -15.99 -8.36
N LEU A 201 -6.99 -15.26 -8.48
CA LEU A 201 -6.22 -14.85 -7.31
C LEU A 201 -5.91 -13.36 -7.36
N ASN A 202 -6.12 -12.68 -6.24
CA ASN A 202 -5.86 -11.26 -6.15
C ASN A 202 -4.41 -10.97 -5.77
N ARG A 203 -4.04 -9.71 -5.77
CA ARG A 203 -2.68 -9.31 -5.44
C ARG A 203 -2.68 -8.14 -4.46
N GLY A 204 -1.84 -8.26 -3.45
CA GLY A 204 -1.73 -7.24 -2.44
C GLY A 204 -0.29 -6.87 -2.21
N VAL A 205 -0.04 -5.78 -1.50
CA VAL A 205 1.32 -5.36 -1.23
C VAL A 205 1.66 -5.55 0.24
N ASN A 206 2.88 -6.01 0.50
CA ASN A 206 3.34 -6.22 1.86
C ASN A 206 3.90 -4.91 2.40
N MET A 207 3.05 -4.17 3.08
CA MET A 207 3.44 -2.88 3.63
C MET A 207 4.43 -3.01 4.78
N PHE A 208 4.57 -4.20 5.33
CA PHE A 208 5.49 -4.41 6.45
C PHE A 208 6.94 -4.22 6.00
N TYR A 209 7.30 -4.88 4.91
CA TYR A 209 8.65 -4.80 4.38
C TYR A 209 8.95 -3.40 3.84
N VAL A 210 7.92 -2.76 3.30
CA VAL A 210 8.06 -1.43 2.74
C VAL A 210 8.18 -0.37 3.85
N ALA A 211 7.41 -0.55 4.90
CA ALA A 211 7.40 0.40 6.01
C ALA A 211 8.61 0.30 6.92
N ASN A 212 8.93 -0.89 7.38
CA ASN A 212 10.05 -1.08 8.31
C ASN A 212 11.39 -1.36 7.65
N TYR A 213 11.47 -1.31 6.32
CA TYR A 213 12.74 -1.57 5.64
C TYR A 213 12.99 -0.61 4.49
N LEU A 214 12.04 -0.53 3.57
CA LEU A 214 12.17 0.32 2.39
C LEU A 214 12.14 1.81 2.73
N LEU A 215 11.18 2.21 3.55
CA LEU A 215 11.04 3.61 3.92
C LEU A 215 12.17 4.10 4.81
N ARG A 216 12.80 5.17 4.38
CA ARG A 216 13.90 5.78 5.13
C ARG A 216 13.39 6.96 5.94
N SER A 217 13.96 7.14 7.13
CA SER A 217 13.57 8.22 8.01
C SER A 217 14.11 9.56 7.51
N ASN A 218 15.00 9.51 6.53
CA ASN A 218 15.60 10.71 5.96
C ASN A 218 14.89 11.12 4.67
N GLU A 219 13.75 10.52 4.40
CA GLU A 219 12.98 10.83 3.20
C GLU A 219 11.70 11.57 3.55
N GLY B 1 37.23 -2.00 -6.95
CA GLY B 1 35.86 -2.09 -7.53
C GLY B 1 34.90 -1.18 -6.82
N SER B 2 33.63 -1.23 -7.22
CA SER B 2 32.62 -0.39 -6.63
C SER B 2 32.14 -0.98 -5.30
N MET B 3 32.41 -0.25 -4.23
CA MET B 3 32.01 -0.67 -2.90
C MET B 3 31.20 0.43 -2.24
N THR B 4 30.72 0.17 -1.03
CA THR B 4 29.95 1.15 -0.30
C THR B 4 30.84 2.33 0.10
N LEU B 5 30.25 3.51 0.18
CA LEU B 5 31.00 4.70 0.55
C LEU B 5 30.60 5.16 1.96
N PRO B 6 31.48 5.91 2.64
CA PRO B 6 31.20 6.42 3.99
C PRO B 6 30.05 7.43 3.97
N PRO B 7 29.44 7.70 5.14
CA PRO B 7 28.32 8.64 5.26
C PRO B 7 28.74 10.10 5.06
N GLU B 8 29.92 10.30 4.47
CA GLU B 8 30.43 11.63 4.21
C GLU B 8 29.82 12.16 2.92
N LEU B 9 29.39 11.23 2.07
CA LEU B 9 28.78 11.59 0.79
C LEU B 9 27.30 11.89 0.97
N SER B 10 26.71 12.53 -0.02
CA SER B 10 25.30 12.87 0.01
C SER B 10 24.43 11.62 -0.17
N ILE B 11 24.20 11.24 -1.42
CA ILE B 11 23.38 10.07 -1.72
C ILE B 11 24.03 9.20 -2.79
N ILE B 12 24.16 7.91 -2.50
CA ILE B 12 24.75 6.96 -3.44
C ILE B 12 23.89 5.69 -3.47
N GLU B 13 23.39 5.35 -4.65
CA GLU B 13 22.54 4.19 -4.77
C GLU B 13 22.96 3.27 -5.92
N ILE B 14 23.89 2.37 -5.64
CA ILE B 14 24.35 1.40 -6.62
C ILE B 14 23.87 0.01 -6.23
N PRO B 15 23.59 -0.86 -7.21
CA PRO B 15 23.11 -2.23 -6.96
C PRO B 15 23.99 -3.04 -6.02
N PHE B 16 25.29 -2.77 -6.01
CA PHE B 16 26.21 -3.48 -5.14
C PHE B 16 25.91 -3.23 -3.66
N ASP B 17 25.81 -1.98 -3.28
CA ASP B 17 25.50 -1.59 -1.89
C ASP B 17 24.19 -2.24 -1.40
N ASP B 18 23.43 -2.76 -2.35
CA ASP B 18 22.12 -3.37 -2.13
C ASP B 18 22.14 -4.88 -2.42
N VAL B 19 23.33 -5.44 -2.67
CA VAL B 19 23.44 -6.82 -3.15
C VAL B 19 23.29 -7.41 -1.77
N GLU B 20 24.04 -6.68 -0.91
CA GLU B 20 24.39 -7.03 0.43
C GLU B 20 23.44 -6.37 1.44
N THR B 21 23.06 -5.11 1.12
CA THR B 21 22.17 -4.29 1.97
C THR B 21 21.38 -5.23 2.90
N ARG B 22 20.30 -5.85 2.44
CA ARG B 22 19.68 -6.90 3.24
C ARG B 22 19.97 -8.25 2.61
N SER B 23 21.09 -8.87 3.00
CA SER B 23 21.52 -10.15 2.44
C SER B 23 20.56 -11.29 2.79
N TYR B 24 19.65 -11.06 3.72
CA TYR B 24 18.69 -12.08 4.11
C TYR B 24 17.74 -12.38 2.96
N GLU B 25 17.01 -11.36 2.52
CA GLU B 25 16.06 -11.50 1.43
C GLU B 25 16.04 -10.25 0.55
N PHE B 26 17.07 -10.09 -0.28
CA PHE B 26 17.17 -8.95 -1.16
C PHE B 26 16.35 -9.20 -2.42
N ILE B 27 15.44 -8.28 -2.74
CA ILE B 27 14.62 -8.46 -3.93
C ILE B 27 15.38 -8.73 -5.23
N GLU B 28 14.82 -9.72 -5.90
CA GLU B 28 15.35 -10.25 -7.16
C GLU B 28 14.32 -10.40 -8.27
N VAL B 29 14.16 -9.33 -9.04
CA VAL B 29 13.25 -9.31 -10.19
C VAL B 29 14.00 -8.67 -11.37
N GLU B 30 14.11 -9.37 -12.49
CA GLU B 30 14.83 -8.84 -13.64
C GLU B 30 13.88 -8.74 -14.83
N ILE B 31 14.13 -7.79 -15.73
CA ILE B 31 13.28 -7.62 -16.90
C ILE B 31 14.04 -6.95 -18.06
N LYS B 32 13.90 -7.53 -19.26
CA LYS B 32 14.53 -7.03 -20.47
C LYS B 32 16.04 -7.28 -20.50
N GLY B 33 16.54 -7.96 -19.47
CA GLY B 33 17.97 -8.26 -19.38
C GLY B 33 18.84 -7.03 -19.17
N ARG B 34 18.22 -5.86 -19.10
CA ARG B 34 18.95 -4.62 -18.92
C ARG B 34 18.47 -3.93 -17.66
N GLY B 35 17.30 -4.32 -17.19
CA GLY B 35 16.73 -3.73 -16.00
C GLY B 35 16.45 -4.78 -14.95
N LYS B 36 16.62 -4.41 -13.69
CA LYS B 36 16.38 -5.32 -12.58
C LYS B 36 15.96 -4.51 -11.38
N ALA B 37 14.98 -4.99 -10.63
CA ALA B 37 14.55 -4.27 -9.46
C ALA B 37 15.01 -4.99 -8.19
N LYS B 38 15.56 -4.20 -7.29
CA LYS B 38 16.02 -4.74 -6.02
C LYS B 38 15.49 -3.98 -4.83
N LEU B 39 15.47 -4.65 -3.70
CA LEU B 39 14.99 -4.05 -2.45
C LEU B 39 16.03 -4.17 -1.36
N GLY B 40 15.82 -3.49 -0.23
CA GLY B 40 16.78 -3.50 0.83
C GLY B 40 16.32 -2.58 1.94
N LYS B 41 17.04 -2.56 3.05
CA LYS B 41 16.67 -1.71 4.17
C LYS B 41 17.47 -0.41 4.20
N ARG B 42 18.59 -0.37 3.50
CA ARG B 42 19.41 0.83 3.49
C ARG B 42 19.54 1.44 2.11
N GLU B 43 18.72 0.94 1.19
CA GLU B 43 18.71 1.43 -0.18
C GLU B 43 17.37 1.13 -0.84
N PHE B 44 17.12 1.80 -1.95
CA PHE B 44 15.88 1.64 -2.69
C PHE B 44 16.15 1.84 -4.17
N ALA B 45 16.60 0.80 -4.84
CA ALA B 45 16.90 0.87 -6.26
C ALA B 45 16.12 -0.20 -7.01
N TRP B 46 15.19 0.24 -7.85
CA TRP B 46 14.36 -0.68 -8.61
C TRP B 46 13.72 0.02 -9.80
N ILE B 47 14.29 -0.21 -10.98
CA ILE B 47 13.81 0.44 -12.20
C ILE B 47 14.02 -0.44 -13.43
N PRO B 48 12.93 -0.74 -14.15
CA PRO B 48 12.98 -1.55 -15.37
C PRO B 48 13.22 -0.67 -16.60
N GLU B 49 14.22 0.20 -16.49
CA GLU B 49 14.54 1.13 -17.57
C GLU B 49 16.02 1.04 -17.99
N SER B 50 16.47 2.07 -18.70
CA SER B 50 17.83 2.11 -19.21
C SER B 50 18.85 2.63 -18.18
N GLY B 51 18.44 3.60 -17.38
CA GLY B 51 19.35 4.17 -16.40
C GLY B 51 19.26 3.50 -15.04
N LYS B 52 18.04 3.10 -14.67
CA LYS B 52 17.79 2.43 -13.39
C LYS B 52 17.90 3.38 -12.20
N TYR B 53 17.65 4.67 -12.44
CA TYR B 53 17.70 5.66 -11.38
C TYR B 53 16.40 6.47 -11.29
N TRP B 54 15.34 5.91 -11.89
CA TRP B 54 14.00 6.52 -11.89
C TRP B 54 13.83 7.58 -12.97
N ALA B 55 13.80 7.15 -14.21
CA ALA B 55 13.65 8.04 -15.35
C ALA B 55 12.34 7.77 -16.08
N ASP B 56 11.43 7.10 -15.41
CA ASP B 56 10.14 6.77 -15.99
C ASP B 56 9.14 7.86 -15.65
N GLU B 57 8.82 7.97 -14.38
CA GLU B 57 7.88 8.98 -13.89
C GLU B 57 8.28 9.44 -12.50
N VAL A 29 20.16 18.14 -7.14
CA VAL A 29 19.68 17.49 -5.91
C VAL A 29 20.37 16.15 -5.65
N LEU A 30 20.73 15.44 -6.72
CA LEU A 30 21.39 14.16 -6.60
C LEU A 30 22.78 14.32 -5.98
N GLY A 31 23.11 13.44 -5.04
CA GLY A 31 24.40 13.52 -4.38
C GLY A 31 24.35 14.33 -3.10
N SER A 32 23.33 15.18 -2.96
CA SER A 32 23.19 16.00 -1.77
C SER A 32 22.05 15.50 -0.89
N PHE A 33 20.85 15.43 -1.45
CA PHE A 33 19.69 14.96 -0.71
C PHE A 33 19.58 13.45 -0.79
N TYR A 34 20.45 12.86 -1.58
CA TYR A 34 20.48 11.42 -1.77
C TYR A 34 21.90 10.94 -1.55
N SER A 35 22.07 9.77 -0.92
CA SER A 35 23.38 9.23 -0.66
C SER A 35 23.44 7.77 -1.13
N PRO A 36 24.44 7.42 -1.96
CA PRO A 36 24.60 6.06 -2.50
C PRO A 36 24.70 4.97 -1.42
N VAL A 37 24.14 3.82 -1.74
CA VAL A 37 24.15 2.67 -0.83
C VAL A 37 24.99 1.54 -1.41
N LYS A 38 25.71 0.85 -0.55
CA LYS A 38 26.55 -0.25 -0.98
C LYS A 38 25.73 -1.51 -1.23
N ALA A 39 25.82 -2.00 -2.46
CA ALA A 39 25.14 -3.23 -2.86
C ALA A 39 25.39 -4.33 -1.84
N GLY A 40 24.34 -5.03 -1.42
CA GLY A 40 24.49 -6.06 -0.42
C GLY A 40 24.31 -5.55 0.99
N ASP A 41 24.28 -4.23 1.14
CA ASP A 41 24.11 -3.61 2.46
C ASP A 41 22.71 -3.01 2.58
N GLU A 42 21.93 -3.16 1.52
CA GLU A 42 20.57 -2.66 1.49
C GLU A 42 19.67 -3.54 2.36
N PRO A 43 18.56 -2.98 2.87
CA PRO A 43 17.60 -3.73 3.72
C PRO A 43 17.24 -5.09 3.13
N ALA A 44 17.33 -6.13 3.95
CA ALA A 44 17.03 -7.48 3.52
C ALA A 44 15.54 -7.68 3.27
N SER A 45 14.77 -6.62 3.47
CA SER A 45 13.34 -6.69 3.26
C SER A 45 12.94 -5.91 2.02
N LEU A 46 13.94 -5.30 1.37
CA LEU A 46 13.70 -4.50 0.18
C LEU A 46 14.17 -5.22 -1.08
N VAL A 47 13.33 -5.18 -2.10
CA VAL A 47 13.62 -5.79 -3.38
C VAL A 47 13.10 -4.89 -4.51
N ALA A 48 13.80 -4.85 -5.62
CA ALA A 48 13.39 -4.01 -6.74
C ALA A 48 12.65 -4.83 -7.79
N ILE A 49 11.64 -4.21 -8.38
CA ILE A 49 10.85 -4.87 -9.42
C ILE A 49 11.26 -4.31 -10.78
N LYS A 50 11.77 -5.18 -11.64
CA LYS A 50 12.23 -4.75 -12.95
C LYS A 50 11.36 -5.27 -14.08
N SER A 51 11.33 -4.49 -15.15
CA SER A 51 10.61 -4.82 -16.36
C SER A 51 11.57 -4.67 -17.52
N GLY A 52 12.07 -5.80 -18.01
CA GLY A 52 13.03 -5.76 -19.08
C GLY A 52 14.34 -5.16 -18.60
N PRO A 53 14.84 -4.13 -19.27
CA PRO A 53 16.08 -3.46 -18.88
C PRO A 53 15.84 -2.23 -18.01
N THR A 54 14.59 -2.00 -17.61
CA THR A 54 14.25 -0.84 -16.80
C THR A 54 13.55 -1.25 -15.51
N THR A 55 13.66 -0.41 -14.49
CA THR A 55 13.01 -0.66 -13.20
C THR A 55 11.63 -0.03 -13.23
N ILE A 56 10.63 -0.73 -12.71
CA ILE A 56 9.27 -0.21 -12.72
C ILE A 56 8.77 0.20 -11.34
N GLY A 57 9.48 -0.19 -10.28
CA GLY A 57 9.05 0.17 -8.96
C GLY A 57 9.81 -0.64 -7.92
N PHE A 58 9.42 -0.49 -6.65
CA PHE A 58 10.07 -1.21 -5.58
C PHE A 58 9.03 -1.96 -4.76
N GLY A 59 9.46 -2.95 -3.98
CA GLY A 59 8.53 -3.69 -3.16
C GLY A 59 9.22 -4.19 -1.91
N CYS A 60 8.44 -4.74 -0.98
CA CYS A 60 8.99 -5.25 0.26
C CYS A 60 8.31 -6.54 0.68
N ARG A 61 9.04 -7.39 1.41
CA ARG A 61 8.48 -8.64 1.89
C ARG A 61 7.91 -8.45 3.28
N THR A 62 6.65 -8.82 3.46
CA THR A 62 6.00 -8.66 4.74
C THR A 62 4.82 -9.61 4.88
N LYS A 63 4.21 -9.61 6.06
CA LYS A 63 3.08 -10.48 6.34
C LYS A 63 1.77 -9.70 6.35
N ILE A 64 0.96 -9.92 5.33
CA ILE A 64 -0.32 -9.26 5.21
C ILE A 64 -1.43 -10.29 5.14
N ASP A 65 -1.24 -11.30 4.30
CA ASP A 65 -2.21 -12.39 4.15
C ASP A 65 -2.21 -13.26 5.39
N GLY A 66 -1.05 -13.37 6.02
CA GLY A 66 -0.91 -14.17 7.21
C GLY A 66 0.37 -14.97 7.21
N GLU A 67 0.86 -15.30 6.02
CA GLU A 67 2.09 -16.08 5.89
C GLU A 67 3.24 -15.23 5.34
N ASP A 68 3.26 -15.05 4.02
CA ASP A 68 4.33 -14.27 3.38
C ASP A 68 3.85 -13.73 2.05
N CYS A 69 4.16 -12.46 1.77
CA CYS A 69 3.74 -11.84 0.53
C CYS A 69 4.62 -10.63 0.19
N LEU A 70 4.50 -10.14 -1.04
CA LEU A 70 5.25 -8.99 -1.50
C LEU A 70 4.33 -7.79 -1.59
N LEU A 71 4.72 -6.70 -0.96
CA LEU A 71 3.93 -5.49 -0.96
C LEU A 71 4.56 -4.43 -1.87
N THR A 72 3.78 -3.91 -2.79
CA THR A 72 4.25 -2.90 -3.72
C THR A 72 3.09 -1.97 -4.12
N ALA A 73 3.39 -0.99 -4.95
CA ALA A 73 2.39 -0.03 -5.42
C ALA A 73 1.44 -0.70 -6.40
N HIS A 74 0.32 -0.05 -6.68
CA HIS A 74 -0.67 -0.60 -7.59
C HIS A 74 -0.19 -0.57 -9.03
N HIS A 75 0.22 0.60 -9.51
CA HIS A 75 0.68 0.74 -10.89
C HIS A 75 1.74 -0.30 -11.27
N VAL A 76 2.87 -0.32 -10.56
CA VAL A 76 3.96 -1.27 -10.79
C VAL A 76 3.50 -2.66 -11.25
N TRP A 77 2.64 -3.31 -10.47
CA TRP A 77 2.18 -4.65 -10.81
C TRP A 77 0.83 -4.66 -11.51
N CYS A 78 0.48 -3.56 -12.18
CA CYS A 78 -0.80 -3.47 -12.87
C CYS A 78 -0.79 -2.55 -14.09
N ASN A 79 -0.78 -1.24 -13.84
CA ASN A 79 -0.81 -0.25 -14.91
C ASN A 79 0.54 -0.06 -15.60
N SER A 80 1.61 -0.35 -14.89
CA SER A 80 2.96 -0.21 -15.44
C SER A 80 3.31 -1.38 -16.34
N MET A 81 4.54 -1.41 -16.81
CA MET A 81 5.00 -2.48 -17.67
C MET A 81 4.99 -3.80 -16.91
N ARG A 82 4.86 -4.90 -17.63
CA ARG A 82 4.81 -6.23 -17.01
C ARG A 82 6.10 -6.55 -16.26
N PRO A 83 6.00 -6.85 -14.95
CA PRO A 83 7.15 -7.20 -14.12
C PRO A 83 7.78 -8.49 -14.60
N THR A 84 8.98 -8.41 -15.15
CA THR A 84 9.67 -9.57 -15.67
C THR A 84 10.44 -10.29 -14.58
N GLY A 85 10.91 -9.56 -13.57
CA GLY A 85 11.65 -10.19 -12.50
C GLY A 85 11.94 -9.29 -11.33
N LEU A 86 12.37 -9.91 -10.23
CA LEU A 86 12.71 -9.19 -9.01
C LEU A 86 14.23 -9.16 -8.89
N ALA A 87 14.80 -8.00 -8.62
CA ALA A 87 16.24 -7.87 -8.52
C ALA A 87 16.70 -7.37 -7.16
N LYS A 88 17.71 -8.05 -6.62
CA LYS A 88 18.29 -7.69 -5.34
C LYS A 88 19.78 -8.02 -5.31
N ALA A 89 20.59 -7.00 -5.03
CA ALA A 89 22.05 -7.15 -4.94
C ALA A 89 22.67 -7.65 -6.24
N GLY A 90 22.00 -7.41 -7.35
CA GLY A 90 22.50 -7.85 -8.64
C GLY A 90 21.82 -9.10 -9.15
N LYS A 91 21.39 -9.95 -8.22
CA LYS A 91 20.71 -11.19 -8.57
C LYS A 91 19.28 -10.89 -8.99
N GLN A 92 18.75 -11.70 -9.90
CA GLN A 92 17.40 -11.49 -10.41
C GLN A 92 16.74 -12.79 -10.83
N VAL A 93 15.48 -12.96 -10.46
CA VAL A 93 14.71 -14.14 -10.84
C VAL A 93 13.50 -13.72 -11.65
N SER A 94 13.07 -14.58 -12.56
CA SER A 94 11.92 -14.27 -13.41
C SER A 94 10.61 -14.32 -12.63
N VAL A 95 9.71 -13.42 -12.96
CA VAL A 95 8.41 -13.36 -12.31
C VAL A 95 7.44 -14.31 -12.99
N GLU A 96 7.09 -15.39 -12.30
CA GLU A 96 6.15 -16.36 -12.83
C GLU A 96 4.74 -15.91 -12.49
N ASP A 97 3.74 -16.67 -12.92
CA ASP A 97 2.36 -16.32 -12.65
C ASP A 97 2.03 -16.54 -11.17
N TRP A 98 2.01 -15.45 -10.42
CA TRP A 98 1.71 -15.52 -9.00
C TRP A 98 0.32 -14.95 -8.73
N GLU A 99 -0.28 -15.39 -7.63
CA GLU A 99 -1.61 -14.93 -7.26
C GLU A 99 -1.55 -13.61 -6.51
N ILE A 100 -2.52 -12.75 -6.77
CA ILE A 100 -2.61 -11.45 -6.11
C ILE A 100 -3.58 -11.54 -4.94
N SER A 101 -3.11 -11.16 -3.76
CA SER A 101 -3.93 -11.20 -2.55
C SER A 101 -5.04 -10.15 -2.60
N MET A 102 -4.66 -8.91 -2.82
CA MET A 102 -5.61 -7.81 -2.88
C MET A 102 -4.94 -6.59 -3.49
N SER A 103 -5.74 -5.76 -4.16
CA SER A 103 -5.24 -4.56 -4.79
C SER A 103 -6.40 -3.60 -5.07
N SER A 104 -6.12 -2.31 -5.08
CA SER A 104 -7.13 -1.31 -5.35
C SER A 104 -6.74 -0.51 -6.58
N SER A 105 -7.71 -0.24 -7.45
CA SER A 105 -7.44 0.50 -8.66
C SER A 105 -7.51 2.02 -8.44
N ASP A 106 -7.57 2.43 -7.18
CA ASP A 106 -7.64 3.85 -6.86
C ASP A 106 -6.25 4.44 -6.68
N LYS A 107 -6.14 5.74 -6.91
CA LYS A 107 -4.87 6.45 -6.81
C LYS A 107 -4.54 6.85 -5.37
N MET A 108 -5.53 6.85 -4.49
CA MET A 108 -5.31 7.21 -3.10
C MET A 108 -4.61 6.07 -2.36
N LEU A 109 -5.12 4.86 -2.55
CA LEU A 109 -4.54 3.69 -1.92
C LEU A 109 -3.26 3.28 -2.64
N ASP A 110 -3.37 3.06 -3.95
CA ASP A 110 -2.24 2.69 -4.80
C ASP A 110 -1.36 1.60 -4.17
N PHE A 111 -1.90 0.39 -4.06
CA PHE A 111 -1.16 -0.71 -3.46
C PHE A 111 -1.53 -2.03 -4.12
N ALA A 112 -0.64 -3.01 -4.02
CA ALA A 112 -0.86 -4.33 -4.58
C ALA A 112 -0.09 -5.38 -3.79
N ILE A 113 -0.77 -6.44 -3.38
CA ILE A 113 -0.14 -7.51 -2.62
C ILE A 113 0.00 -8.76 -3.49
N VAL A 114 1.23 -9.18 -3.73
CA VAL A 114 1.49 -10.34 -4.56
C VAL A 114 2.04 -11.49 -3.71
N ARG A 115 1.50 -12.68 -3.91
CA ARG A 115 1.94 -13.86 -3.18
C ARG A 115 3.13 -14.51 -3.88
N VAL A 116 4.32 -14.27 -3.36
CA VAL A 116 5.55 -14.83 -3.91
C VAL A 116 6.01 -16.03 -3.10
N PRO A 117 6.37 -17.14 -3.78
CA PRO A 117 6.86 -18.37 -3.12
C PRO A 117 8.07 -18.12 -2.23
N THR A 118 8.36 -19.06 -1.34
CA THR A 118 9.47 -18.92 -0.40
C THR A 118 10.81 -19.23 -1.06
N HIS A 119 10.79 -20.09 -2.07
CA HIS A 119 12.01 -20.45 -2.79
C HIS A 119 12.53 -19.27 -3.61
N VAL A 120 11.71 -18.25 -3.73
CA VAL A 120 12.07 -17.05 -4.47
C VAL A 120 12.71 -16.03 -3.52
N TRP A 121 12.15 -15.95 -2.32
CA TRP A 121 12.66 -15.02 -1.31
C TRP A 121 14.11 -15.32 -0.95
N SER A 122 14.42 -16.60 -0.74
CA SER A 122 15.77 -17.00 -0.38
C SER A 122 16.77 -16.77 -1.51
N LYS A 123 16.30 -16.90 -2.75
CA LYS A 123 17.17 -16.71 -3.92
C LYS A 123 17.68 -15.27 -4.03
N LEU A 124 16.93 -14.35 -3.46
CA LEU A 124 17.30 -12.94 -3.49
C LEU A 124 17.86 -12.49 -2.15
N GLY A 125 17.61 -13.29 -1.13
CA GLY A 125 18.07 -12.95 0.20
C GLY A 125 17.14 -11.96 0.89
N VAL A 126 15.85 -12.11 0.61
CA VAL A 126 14.85 -11.22 1.18
C VAL A 126 14.20 -11.88 2.39
N LYS A 127 14.08 -11.13 3.47
CA LYS A 127 13.47 -11.62 4.69
C LYS A 127 12.22 -10.80 5.01
N SER A 128 11.25 -11.42 5.67
CA SER A 128 10.00 -10.75 6.00
C SER A 128 10.15 -9.80 7.18
N THR A 129 9.59 -8.61 7.03
CA THR A 129 9.61 -7.61 8.08
C THR A 129 8.22 -6.98 8.22
N PRO A 130 7.53 -7.29 9.32
CA PRO A 130 6.18 -6.79 9.57
C PRO A 130 6.12 -5.27 9.78
N LEU A 131 5.13 -4.64 9.16
CA LEU A 131 4.92 -3.21 9.28
C LEU A 131 4.18 -2.96 10.58
N VAL A 132 4.35 -1.78 11.17
CA VAL A 132 3.68 -1.48 12.43
C VAL A 132 2.82 -0.23 12.29
N CYS A 133 2.39 0.30 13.43
CA CYS A 133 1.55 1.49 13.44
C CYS A 133 2.40 2.75 13.31
N PRO A 134 2.03 3.66 12.38
CA PRO A 134 2.75 4.91 12.17
C PRO A 134 2.56 5.86 13.35
N SER A 135 3.28 6.96 13.35
CA SER A 135 3.19 7.92 14.44
C SER A 135 2.89 9.32 13.90
N SER A 136 2.86 10.30 14.80
CA SER A 136 2.60 11.68 14.39
C SER A 136 3.80 12.19 13.59
N LYS A 137 4.99 11.83 14.04
CA LYS A 137 6.22 12.20 13.38
C LYS A 137 7.26 11.12 13.65
N ASP A 138 7.58 10.34 12.64
CA ASP A 138 8.54 9.26 12.78
C ASP A 138 9.70 9.45 11.81
N VAL A 139 10.93 9.24 12.30
CA VAL A 139 12.12 9.38 11.47
C VAL A 139 12.23 8.18 10.53
N ILE A 140 12.20 8.44 9.22
CA ILE A 140 12.25 7.36 8.25
C ILE A 140 13.37 7.54 7.23
N THR A 141 13.78 6.43 6.64
CA THR A 141 14.82 6.41 5.62
C THR A 141 14.26 5.79 4.35
N CYS A 142 14.32 6.53 3.25
CA CYS A 142 13.81 6.05 1.98
C CYS A 142 14.92 5.50 1.12
N TYR A 143 14.72 4.30 0.60
CA TYR A 143 15.70 3.65 -0.25
C TYR A 143 15.18 3.52 -1.67
N GLY A 144 16.08 3.61 -2.64
CA GLY A 144 15.70 3.50 -4.02
C GLY A 144 16.89 3.73 -4.92
N GLY A 145 16.66 3.79 -6.22
CA GLY A 145 17.75 4.01 -7.14
C GLY A 145 17.31 3.91 -8.58
N SER A 146 18.27 3.85 -9.48
CA SER A 146 17.98 3.75 -10.90
C SER A 146 18.07 2.29 -11.35
N SER A 147 18.71 1.48 -10.53
CA SER A 147 18.89 0.07 -10.82
C SER A 147 19.23 -0.68 -9.54
N SER A 148 19.26 -2.00 -9.64
CA SER A 148 19.60 -2.85 -8.51
C SER A 148 21.07 -2.69 -8.13
N ASP A 149 21.86 -2.16 -9.06
CA ASP A 149 23.28 -1.97 -8.82
C ASP A 149 23.57 -0.57 -8.28
N CYS A 150 22.71 0.40 -8.60
CA CYS A 150 22.92 1.76 -8.15
C CYS A 150 21.80 2.20 -7.22
N LEU A 151 21.96 1.89 -5.95
CA LEU A 151 20.98 2.23 -4.94
C LEU A 151 21.45 3.43 -4.11
N MET A 152 20.48 4.18 -3.61
CA MET A 152 20.76 5.35 -2.78
C MET A 152 19.73 5.45 -1.64
N SER A 153 20.00 6.29 -0.66
CA SER A 153 19.12 6.46 0.47
C SER A 153 18.89 7.94 0.80
N GLY A 154 17.69 8.24 1.27
CA GLY A 154 17.34 9.60 1.64
C GLY A 154 17.00 9.67 3.12
N VAL A 155 16.78 10.86 3.62
CA VAL A 155 16.46 11.05 5.03
C VAL A 155 15.28 12.02 5.17
N GLY A 156 14.19 11.55 5.77
CA GLY A 156 13.04 12.40 5.95
C GLY A 156 12.19 11.96 7.13
N SER A 157 11.09 12.67 7.35
CA SER A 157 10.20 12.34 8.45
C SER A 157 8.83 11.98 7.92
N SER A 158 8.15 11.08 8.60
CA SER A 158 6.81 10.66 8.21
C SER A 158 5.81 11.18 9.23
N SER A 159 4.63 11.54 8.77
CA SER A 159 3.59 12.05 9.63
C SER A 159 2.23 11.48 9.26
N THR A 160 1.36 11.34 10.25
CA THR A 160 0.03 10.82 10.03
C THR A 160 -0.88 11.92 9.52
N SER A 161 -2.11 11.58 9.19
CA SER A 161 -3.06 12.55 8.68
C SER A 161 -4.43 12.35 9.33
N GLU A 162 -5.42 13.12 8.90
CA GLU A 162 -6.77 13.00 9.45
C GLU A 162 -7.34 11.63 9.09
N PHE A 163 -6.96 11.16 7.92
CA PHE A 163 -7.39 9.86 7.43
C PHE A 163 -6.33 8.84 7.77
N THR A 164 -6.74 7.76 8.41
CA THR A 164 -5.83 6.71 8.85
C THR A 164 -5.19 5.91 7.71
N TRP A 165 -5.58 6.18 6.47
CA TRP A 165 -5.03 5.44 5.34
C TRP A 165 -4.03 6.28 4.54
N LYS A 166 -3.85 7.53 4.96
CA LYS A 166 -2.93 8.43 4.28
C LYS A 166 -1.79 8.86 5.19
N LEU A 167 -0.58 8.85 4.66
CA LEU A 167 0.61 9.26 5.40
C LEU A 167 1.41 10.24 4.57
N THR A 168 2.10 11.15 5.22
CA THR A 168 2.92 12.13 4.51
C THR A 168 4.38 12.00 4.94
N HIS A 169 5.30 12.26 4.03
CA HIS A 169 6.72 12.18 4.35
C HIS A 169 7.55 13.20 3.58
N THR A 170 8.61 13.68 4.21
CA THR A 170 9.49 14.67 3.59
C THR A 170 10.71 14.01 2.95
N CYS A 171 10.79 12.68 3.02
CA CYS A 171 11.91 11.95 2.44
C CYS A 171 12.01 12.18 0.94
N PRO A 172 13.17 12.69 0.49
CA PRO A 172 13.43 12.97 -0.93
C PRO A 172 13.38 11.69 -1.77
N THR A 173 12.43 11.63 -2.68
CA THR A 173 12.27 10.47 -3.54
C THR A 173 12.59 10.82 -4.98
N ALA A 174 12.62 9.80 -5.83
CA ALA A 174 12.90 9.99 -7.24
C ALA A 174 11.94 9.15 -8.08
N ALA A 175 12.14 9.15 -9.39
CA ALA A 175 11.27 8.40 -10.29
C ALA A 175 11.56 6.90 -10.20
N GLY A 176 10.50 6.10 -10.12
CA GLY A 176 10.65 4.66 -10.04
C GLY A 176 10.79 4.16 -8.61
N TRP A 177 10.52 5.02 -7.64
CA TRP A 177 10.64 4.67 -6.24
C TRP A 177 9.33 4.15 -5.65
N SER A 178 8.24 4.33 -6.39
CA SER A 178 6.93 3.89 -5.93
C SER A 178 6.95 2.43 -5.48
N GLY A 179 6.46 2.18 -4.27
CA GLY A 179 6.44 0.85 -3.75
C GLY A 179 7.49 0.64 -2.68
N THR A 180 8.35 1.63 -2.52
CA THR A 180 9.41 1.56 -1.52
C THR A 180 8.83 1.83 -0.12
N PRO A 181 9.13 0.95 0.84
CA PRO A 181 8.64 1.07 2.20
C PRO A 181 9.42 2.09 3.03
N LEU A 182 8.71 2.75 3.94
CA LEU A 182 9.32 3.74 4.81
C LEU A 182 10.00 3.05 5.99
N TYR A 183 11.31 2.87 5.87
CA TYR A 183 12.09 2.19 6.90
C TYR A 183 12.42 3.12 8.06
N SER A 184 12.40 2.55 9.25
CA SER A 184 12.70 3.28 10.47
C SER A 184 13.42 2.35 11.45
N SER A 185 13.77 2.86 12.62
CA SER A 185 14.45 2.05 13.63
C SER A 185 13.50 1.04 14.28
N ARG A 186 12.21 1.21 14.05
CA ARG A 186 11.20 0.33 14.62
C ARG A 186 10.74 -0.69 13.57
N GLY A 187 10.95 -0.35 12.31
CA GLY A 187 10.54 -1.22 11.22
C GLY A 187 9.99 -0.42 10.06
N VAL A 188 8.82 -0.79 9.58
CA VAL A 188 8.19 -0.09 8.47
C VAL A 188 6.90 0.57 8.94
N VAL A 189 6.73 1.84 8.63
CA VAL A 189 5.53 2.56 9.04
C VAL A 189 4.55 2.79 7.89
N GLY A 190 5.03 2.69 6.66
CA GLY A 190 4.17 2.90 5.51
C GLY A 190 4.89 2.65 4.20
N MET A 191 4.20 2.86 3.09
CA MET A 191 4.78 2.65 1.77
C MET A 191 4.63 3.88 0.89
N HIS A 192 5.74 4.31 0.29
CA HIS A 192 5.76 5.47 -0.59
C HIS A 192 4.91 5.20 -1.83
N VAL A 193 3.97 6.09 -2.11
CA VAL A 193 3.09 5.93 -3.27
C VAL A 193 3.03 7.17 -4.16
N GLY A 194 3.40 8.34 -3.64
CA GLY A 194 3.35 9.52 -4.47
C GLY A 194 3.74 10.79 -3.74
N PHE A 195 3.18 11.91 -4.16
CA PHE A 195 3.48 13.19 -3.57
C PHE A 195 2.21 13.92 -3.15
N GLU A 196 2.30 14.66 -2.05
CA GLU A 196 1.18 15.45 -1.56
C GLU A 196 1.30 16.83 -2.20
N GLU A 197 2.55 17.25 -2.31
CA GLU A 197 2.92 18.52 -2.91
C GLU A 197 4.23 18.27 -3.66
N ILE A 198 4.11 18.09 -4.97
CA ILE A 198 5.27 17.81 -5.82
C ILE A 198 6.43 18.77 -5.58
N GLY A 199 7.50 18.23 -5.01
CA GLY A 199 8.69 19.03 -4.75
C GLY A 199 8.80 19.49 -3.32
N LYS A 200 7.76 19.26 -2.52
CA LYS A 200 7.77 19.68 -1.13
C LYS A 200 7.43 18.53 -0.19
N LEU A 201 6.24 18.00 -0.30
CA LEU A 201 5.79 16.92 0.57
C LEU A 201 5.36 15.69 -0.22
N ASN A 202 5.78 14.53 0.24
CA ASN A 202 5.45 13.27 -0.40
C ASN A 202 4.24 12.64 0.26
N ARG A 203 3.70 11.60 -0.37
CA ARG A 203 2.53 10.91 0.17
C ARG A 203 2.75 9.41 0.18
N GLY A 204 2.36 8.78 1.27
CA GLY A 204 2.50 7.35 1.42
C GLY A 204 1.21 6.73 1.91
N VAL A 205 1.09 5.42 1.76
CA VAL A 205 -0.12 4.73 2.20
C VAL A 205 0.14 3.96 3.50
N ASN A 206 -0.84 3.99 4.39
CA ASN A 206 -0.73 3.28 5.66
C ASN A 206 -1.25 1.86 5.51
N MET A 207 -0.33 0.95 5.24
CA MET A 207 -0.68 -0.45 5.04
C MET A 207 -1.18 -1.10 6.32
N PHE A 208 -0.75 -0.60 7.46
CA PHE A 208 -1.14 -1.16 8.75
C PHE A 208 -2.66 -1.15 8.92
N TYR A 209 -3.30 -0.05 8.54
CA TYR A 209 -4.74 0.07 8.66
C TYR A 209 -5.44 -0.77 7.60
N VAL A 210 -4.86 -0.80 6.41
CA VAL A 210 -5.43 -1.57 5.30
C VAL A 210 -5.34 -3.07 5.59
N ALA A 211 -4.24 -3.46 6.20
CA ALA A 211 -3.98 -4.87 6.50
C ALA A 211 -5.01 -5.46 7.47
N ASN A 212 -5.30 -4.73 8.55
CA ASN A 212 -6.24 -5.22 9.54
C ASN A 212 -7.68 -4.76 9.36
N TYR A 213 -7.90 -3.61 8.73
CA TYR A 213 -9.25 -3.09 8.58
C TYR A 213 -9.78 -3.12 7.15
N LEU A 214 -8.99 -2.63 6.20
CA LEU A 214 -9.42 -2.55 4.80
C LEU A 214 -9.38 -3.89 4.08
N LEU A 215 -8.86 -4.92 4.73
CA LEU A 215 -8.79 -6.25 4.12
C LEU A 215 -9.59 -7.25 4.92
N ARG A 216 -10.52 -7.92 4.25
CA ARG A 216 -11.35 -8.93 4.90
C ARG A 216 -10.73 -10.31 4.75
N SER A 217 -11.16 -11.24 5.59
CA SER A 217 -10.65 -12.60 5.57
C SER A 217 -11.06 -13.35 4.31
N ASN A 218 -12.30 -13.17 3.87
CA ASN A 218 -12.79 -13.83 2.67
C ASN A 218 -12.94 -12.86 1.52
N GLU A 219 -11.80 -12.44 0.97
CA GLU A 219 -11.79 -11.50 -0.13
C GLU A 219 -10.59 -11.80 -1.03
N GLY B 1 -35.84 0.19 6.89
CA GLY B 1 -34.79 1.17 6.50
C GLY B 1 -33.51 0.48 6.11
N SER B 2 -32.39 1.15 6.29
CA SER B 2 -31.09 0.59 5.95
C SER B 2 -30.57 -0.28 7.09
N MET B 3 -31.27 -1.38 7.35
CA MET B 3 -30.88 -2.30 8.40
C MET B 3 -29.80 -3.25 7.93
N THR B 4 -29.06 -3.83 8.86
CA THR B 4 -28.01 -4.77 8.55
C THR B 4 -28.63 -6.13 8.20
N LEU B 5 -27.97 -6.88 7.34
CA LEU B 5 -28.48 -8.19 6.94
C LEU B 5 -27.66 -9.31 7.57
N PRO B 6 -28.33 -10.42 7.93
CA PRO B 6 -27.67 -11.57 8.55
C PRO B 6 -26.66 -12.23 7.60
N PRO B 7 -25.75 -13.06 8.15
CA PRO B 7 -24.71 -13.75 7.35
C PRO B 7 -25.28 -14.81 6.41
N GLU B 8 -26.60 -14.77 6.20
CA GLU B 8 -27.27 -15.70 5.32
C GLU B 8 -27.16 -15.21 3.88
N LEU B 9 -26.83 -13.94 3.74
CA LEU B 9 -26.67 -13.33 2.43
C LEU B 9 -25.22 -13.42 1.99
N SER B 10 -24.98 -13.26 0.70
CA SER B 10 -23.64 -13.33 0.14
C SER B 10 -22.81 -12.11 0.53
N ILE B 11 -22.97 -11.01 -0.21
CA ILE B 11 -22.20 -9.80 0.06
C ILE B 11 -23.10 -8.56 -0.04
N ILE B 12 -23.11 -7.77 1.02
CA ILE B 12 -23.88 -6.54 1.05
C ILE B 12 -23.03 -5.41 1.63
N GLU B 13 -22.96 -4.29 0.94
CA GLU B 13 -22.16 -3.16 1.39
C GLU B 13 -22.92 -1.85 1.31
N ILE B 14 -23.62 -1.50 2.37
CA ILE B 14 -24.36 -0.25 2.41
C ILE B 14 -23.68 0.74 3.35
N PRO B 15 -23.71 2.04 3.00
CA PRO B 15 -23.07 3.10 3.78
C PRO B 15 -23.43 3.09 5.27
N PHE B 16 -24.66 2.67 5.58
CA PHE B 16 -25.11 2.60 6.97
C PHE B 16 -24.26 1.62 7.78
N ASP B 17 -24.13 0.40 7.26
CA ASP B 17 -23.34 -0.66 7.91
C ASP B 17 -21.88 -0.22 8.16
N ASP B 18 -21.51 0.88 7.55
CA ASP B 18 -20.17 1.44 7.66
C ASP B 18 -20.22 2.84 8.28
N VAL B 19 -21.42 3.26 8.70
CA VAL B 19 -21.61 4.66 9.11
C VAL B 19 -21.13 4.38 10.53
N GLU B 20 -21.84 3.33 11.05
CA GLU B 20 -21.92 3.00 12.45
C GLU B 20 -21.18 1.73 12.88
N THR B 21 -21.60 0.57 12.33
CA THR B 21 -21.00 -0.76 12.70
C THR B 21 -19.73 -0.61 13.55
N ARG B 22 -18.59 -0.25 12.96
CA ARG B 22 -17.41 0.05 13.76
C ARG B 22 -17.46 1.55 14.08
N SER B 23 -18.10 1.88 15.19
CA SER B 23 -18.31 3.27 15.57
C SER B 23 -17.17 3.93 16.32
N TYR B 24 -16.08 3.22 16.59
CA TYR B 24 -14.98 3.82 17.31
C TYR B 24 -14.32 4.89 16.44
N GLU B 25 -13.81 4.47 15.29
CA GLU B 25 -13.17 5.39 14.37
C GLU B 25 -13.60 5.11 12.93
N PHE B 26 -14.80 5.53 12.57
CA PHE B 26 -15.30 5.32 11.21
C PHE B 26 -14.90 6.50 10.33
N ILE B 27 -14.15 6.22 9.28
CA ILE B 27 -13.71 7.28 8.38
C ILE B 27 -14.79 8.19 7.80
N GLU B 28 -14.36 9.44 7.66
CA GLU B 28 -15.19 10.54 7.19
C GLU B 28 -14.59 11.26 5.99
N VAL B 29 -14.85 10.74 4.79
CA VAL B 29 -14.37 11.35 3.57
C VAL B 29 -15.53 11.47 2.58
N GLU B 30 -15.99 12.68 2.31
CA GLU B 30 -17.09 12.90 1.40
C GLU B 30 -16.63 13.80 0.26
N ILE B 31 -17.21 13.65 -0.93
CA ILE B 31 -16.82 14.46 -2.07
C ILE B 31 -17.87 14.42 -3.19
N LYS B 32 -18.04 15.55 -3.87
CA LYS B 32 -18.98 15.67 -5.00
C LYS B 32 -20.44 15.66 -4.58
N GLY B 33 -20.70 15.33 -3.31
CA GLY B 33 -22.07 15.29 -2.82
C GLY B 33 -22.79 14.03 -3.25
N ARG B 34 -22.12 13.22 -4.06
CA ARG B 34 -22.70 11.97 -4.56
C ARG B 34 -21.91 10.77 -4.07
N GLY B 35 -20.66 11.01 -3.68
CA GLY B 35 -19.83 9.94 -3.20
C GLY B 35 -19.32 10.21 -1.80
N LYS B 36 -19.23 9.16 -1.01
CA LYS B 36 -18.75 9.27 0.36
C LYS B 36 -18.08 7.98 0.78
N ALA B 37 -16.94 8.08 1.44
CA ALA B 37 -16.22 6.91 1.89
C ALA B 37 -16.30 6.76 3.39
N LYS B 38 -16.28 5.53 3.86
CA LYS B 38 -16.33 5.23 5.27
C LYS B 38 -15.43 4.03 5.56
N LEU B 39 -14.88 3.99 6.76
CA LEU B 39 -14.01 2.89 7.14
C LEU B 39 -14.66 2.04 8.22
N GLY B 40 -14.17 0.81 8.40
CA GLY B 40 -14.75 -0.10 9.36
C GLY B 40 -13.97 -1.40 9.38
N LYS B 41 -14.26 -2.27 10.34
CA LYS B 41 -13.55 -3.55 10.41
C LYS B 41 -14.38 -4.70 9.84
N ARG B 42 -15.68 -4.50 9.73
CA ARG B 42 -16.54 -5.56 9.20
C ARG B 42 -17.09 -5.15 7.84
N GLU B 43 -16.65 -4.01 7.36
CA GLU B 43 -17.09 -3.49 6.09
C GLU B 43 -15.99 -2.67 5.43
N PHE B 44 -16.12 -2.48 4.13
CA PHE B 44 -15.15 -1.74 3.36
C PHE B 44 -15.87 -1.04 2.21
N ALA B 45 -16.49 0.09 2.51
CA ALA B 45 -17.23 0.84 1.50
C ALA B 45 -16.65 2.24 1.31
N TRP B 46 -16.21 2.52 0.10
CA TRP B 46 -15.62 3.81 -0.22
C TRP B 46 -15.57 4.07 -1.73
N ILE B 47 -16.54 4.83 -2.20
CA ILE B 47 -16.64 5.14 -3.62
C ILE B 47 -17.12 6.57 -3.88
N PRO B 48 -16.25 7.42 -4.44
CA PRO B 48 -16.58 8.80 -4.78
C PRO B 48 -17.13 8.88 -6.21
N GLU B 49 -18.25 8.20 -6.45
CA GLU B 49 -18.86 8.18 -7.77
C GLU B 49 -20.38 8.37 -7.69
N SER B 50 -21.03 8.21 -8.84
CA SER B 50 -22.48 8.39 -8.94
C SER B 50 -23.23 7.14 -8.49
N GLY B 51 -22.71 5.97 -8.86
CA GLY B 51 -23.36 4.72 -8.50
C GLY B 51 -22.83 4.15 -7.19
N LYS B 52 -21.59 4.51 -6.87
CA LYS B 52 -20.93 4.05 -5.64
C LYS B 52 -20.71 2.53 -5.60
N TYR B 53 -20.60 1.92 -6.78
CA TYR B 53 -20.38 0.48 -6.86
C TYR B 53 -18.98 0.15 -7.38
N TRP B 54 -18.08 1.13 -7.32
CA TRP B 54 -16.70 0.97 -7.79
C TRP B 54 -16.65 0.90 -9.30
N ALA B 55 -16.87 2.04 -9.93
CA ALA B 55 -16.89 2.15 -11.38
C ALA B 55 -15.92 3.22 -11.84
N ASP B 56 -14.93 3.52 -11.01
CA ASP B 56 -13.96 4.56 -11.32
C ASP B 56 -12.90 4.03 -12.29
N GLU B 57 -12.21 2.98 -11.87
CA GLU B 57 -11.16 2.38 -12.70
C GLU B 57 -11.27 0.85 -12.68
#